data_4EGA
#
_entry.id   4EGA
#
_cell.length_a   86.536
_cell.length_b   105.921
_cell.length_c   207.591
_cell.angle_alpha   90.00
_cell.angle_beta   90.00
_cell.angle_gamma   90.00
#
_symmetry.space_group_name_H-M   'P 21 21 21'
#
loop_
_entity.id
_entity.type
_entity.pdbx_description
1 polymer 'Methionyl-tRNA synthetase, putative'
2 non-polymer GLYCEROL
3 non-polymer 'DIMETHYL SULFOXIDE'
4 non-polymer METHIONINE
5 non-polymer 'SULFATE ION'
6 non-polymer 2-({3-[(3,5-dibromo-2-methoxybenzyl)amino]propyl}amino)quinolin-4(1H)-one
7 water water
#
_entity_poly.entity_id   1
_entity_poly.type   'polypeptide(L)'
_entity_poly.pdbx_seq_one_letter_code
;GPGSMKVEKVFFVTSPIYYVNAAPHIGHVYSTLITDVIGRYHRVKGERVFALTGTDEHGQKVAEAAKQKQVSPYDFTTAV
AGEFKK(CAS)FEQMDYSIDYFIRTTNEQHKAVVKELWTKLEQKGDIYLGRYEGWYSISDESFLTPQNITDGVDKDGNPC
KVSLESGHVVTWVSEENYMFRLSAFRERLLEWYHANPGCIVPEFRRREVIRAVEKGLPDLSVSRARATLHNWAIPVPGNP
DH(CAS)VYVWLDALTNYLTGSRLRVDESGKEVSLVDDFNELERFPADVHVIGKDILKFHAIYWPAFLLSAGLPLPKKIV
AHGWWTKDRKKISKSLGNVFDPVEKAEEFGYDALKYFLLRESGFSDDGDYSDKNMIARLNGELADTLGNLVMRCTSAKIN
VNGEWPSPAAYTEEDESLIQLIKDLPGTADHYYLIPDIQKAIIAVFDVLRAINAYVTDMAPWKLVKTDPERLRTVLYITL
EGVRVTTLLLSPILPRKSVVIFDMLGVPEVHRKGIENFEFGAVPPGTRLGPAVEGEVLFSKRSTENTKST
;
_entity_poly.pdbx_strand_id   A,B
#
loop_
_chem_comp.id
_chem_comp.type
_chem_comp.name
_chem_comp.formula
0P8 non-polymer 2-({3-[(3,5-dibromo-2-methoxybenzyl)amino]propyl}amino)quinolin-4(1H)-one 'C20 H21 Br2 N3 O2'
DMS non-polymer 'DIMETHYL SULFOXIDE' 'C2 H6 O S'
GOL non-polymer GLYCEROL 'C3 H8 O3'
SO4 non-polymer 'SULFATE ION' 'O4 S -2'
#
# COMPACT_ATOMS: atom_id res chain seq x y z
N VAL A 7 0.89 30.60 9.44
CA VAL A 7 1.35 31.29 10.70
C VAL A 7 1.18 30.36 11.91
N GLU A 8 2.16 30.41 12.83
CA GLU A 8 2.14 29.53 14.01
C GLU A 8 1.06 30.01 14.97
N LYS A 9 0.10 29.15 15.22
CA LYS A 9 -0.91 29.38 16.24
C LYS A 9 -1.06 28.08 17.01
N VAL A 10 -1.95 28.06 17.99
CA VAL A 10 -2.15 26.87 18.76
C VAL A 10 -3.14 26.02 18.00
N PHE A 11 -2.78 24.76 17.77
CA PHE A 11 -3.69 23.86 17.10
C PHE A 11 -4.89 23.67 18.00
N PHE A 12 -6.05 24.04 17.51
CA PHE A 12 -7.28 24.02 18.29
C PHE A 12 -8.24 22.99 17.67
N VAL A 13 -8.45 21.90 18.41
CA VAL A 13 -9.37 20.83 18.02
C VAL A 13 -10.45 20.69 19.08
N THR A 14 -11.69 20.46 18.67
CA THR A 14 -12.82 20.44 19.60
C THR A 14 -13.70 19.23 19.36
N SER A 15 -14.32 18.73 20.42
CA SER A 15 -15.41 17.79 20.31
C SER A 15 -16.66 18.61 20.43
N PRO A 16 -17.82 17.99 20.19
CA PRO A 16 -19.05 18.68 20.53
C PRO A 16 -19.21 18.62 22.06
N ILE A 17 -20.03 19.51 22.60
CA ILE A 17 -20.40 19.47 24.01
C ILE A 17 -21.75 18.80 24.13
N TYR A 18 -21.83 17.76 24.97
CA TYR A 18 -22.94 16.82 24.94
C TYR A 18 -24.04 17.26 25.90
N TYR A 19 -25.31 17.07 25.53
CA TYR A 19 -26.43 17.33 26.46
C TYR A 19 -26.31 16.37 27.62
N VAL A 20 -26.60 16.88 28.83
CA VAL A 20 -26.47 16.11 30.06
C VAL A 20 -27.83 15.65 30.60
N ASN A 21 -28.74 15.34 29.68
CA ASN A 21 -30.04 14.75 30.02
C ASN A 21 -29.97 13.27 30.42
N ALA A 22 -28.85 12.64 30.13
CA ALA A 22 -28.65 11.22 30.47
C ALA A 22 -27.15 10.89 30.54
N ALA A 23 -26.84 9.79 31.23
CA ALA A 23 -25.47 9.35 31.45
C ALA A 23 -24.66 9.34 30.15
N PRO A 24 -23.33 9.52 30.26
CA PRO A 24 -22.46 9.31 29.11
C PRO A 24 -22.48 7.86 28.62
N HIS A 25 -22.32 7.69 27.32
CA HIS A 25 -22.31 6.38 26.71
C HIS A 25 -21.32 6.37 25.58
N ILE A 26 -21.05 5.17 25.05
CA ILE A 26 -20.34 5.06 23.78
C ILE A 26 -20.87 6.16 22.86
N GLY A 27 -20.04 6.72 22.02
CA GLY A 27 -20.61 7.72 21.11
C GLY A 27 -20.29 9.13 21.54
N HIS A 28 -20.56 9.46 22.79
CA HIS A 28 -19.85 10.57 23.42
C HIS A 28 -18.38 10.22 23.43
N VAL A 29 -18.09 9.00 23.86
CA VAL A 29 -16.74 8.51 23.93
C VAL A 29 -16.07 8.50 22.56
N TYR A 30 -16.82 8.07 21.55
CA TYR A 30 -16.27 8.00 20.20
C TYR A 30 -15.98 9.41 19.71
N SER A 31 -16.95 10.31 19.84
CA SER A 31 -16.73 11.68 19.44
C SER A 31 -15.50 12.21 20.12
N THR A 32 -15.37 12.04 21.44
CA THR A 32 -14.26 12.68 22.13
C THR A 32 -12.95 12.01 21.77
N LEU A 33 -13.00 10.71 21.51
CA LEU A 33 -11.81 9.94 21.10
C LEU A 33 -11.23 10.53 19.81
N ILE A 34 -12.09 10.75 18.82
CA ILE A 34 -11.65 11.42 17.61
C ILE A 34 -11.00 12.77 17.95
N THR A 35 -11.59 13.54 18.86
CA THR A 35 -10.98 14.81 19.23
C THR A 35 -9.60 14.57 19.87
N ASP A 36 -9.54 13.57 20.73
CA ASP A 36 -8.32 13.24 21.45
C ASP A 36 -7.20 12.72 20.57
N VAL A 37 -7.53 11.88 19.59
CA VAL A 37 -6.51 11.38 18.67
C VAL A 37 -5.90 12.49 17.78
N ILE A 38 -6.74 13.31 17.14
CA ILE A 38 -6.26 14.46 16.36
C ILE A 38 -5.36 15.27 17.27
N GLY A 39 -5.83 15.58 18.47
CA GLY A 39 -5.02 16.36 19.39
C GLY A 39 -3.66 15.72 19.63
N ARG A 40 -3.68 14.42 19.91
CA ARG A 40 -2.47 13.73 20.29
C ARG A 40 -1.49 13.70 19.15
N TYR A 41 -1.98 13.47 17.95
CA TYR A 41 -1.10 13.40 16.79
C TYR A 41 -0.36 14.72 16.55
N HIS A 42 -1.07 15.84 16.66
CA HIS A 42 -0.40 17.15 16.52
C HIS A 42 0.62 17.43 17.59
N ARG A 43 0.37 16.91 18.80
CA ARG A 43 1.39 17.00 19.84
C ARG A 43 2.61 16.14 19.52
N VAL A 44 2.47 14.97 18.88
CA VAL A 44 3.69 14.20 18.53
C VAL A 44 4.43 14.88 17.37
N LYS A 45 3.74 15.71 16.60
CA LYS A 45 4.40 16.56 15.57
C LYS A 45 5.12 17.77 16.18
N GLY A 46 4.97 17.95 17.49
CA GLY A 46 5.66 19.03 18.20
C GLY A 46 4.88 20.32 18.26
N GLU A 47 3.65 20.31 17.76
CA GLU A 47 2.85 21.53 17.72
C GLU A 47 2.26 21.83 19.08
N ARG A 48 1.90 23.10 19.31
CA ARG A 48 1.05 23.47 20.45
C ARG A 48 -0.38 23.04 20.18
N VAL A 49 -1.03 22.50 21.19
CA VAL A 49 -2.38 21.98 21.04
C VAL A 49 -3.30 22.49 22.14
N PHE A 50 -4.57 22.58 21.83
CA PHE A 50 -5.58 22.78 22.86
C PHE A 50 -6.83 22.03 22.38
N ALA A 51 -7.08 20.90 23.01
CA ALA A 51 -8.20 20.06 22.69
C ALA A 51 -9.27 20.41 23.69
N LEU A 52 -10.51 20.54 23.24
CA LEU A 52 -11.61 21.00 24.08
C LEU A 52 -12.75 20.03 24.04
N THR A 53 -13.41 19.84 25.17
CA THR A 53 -14.61 19.00 25.23
C THR A 53 -15.50 19.53 26.36
N GLY A 54 -16.66 18.92 26.56
CA GLY A 54 -17.52 19.29 27.67
C GLY A 54 -18.98 18.93 27.51
N THR A 55 -19.84 19.71 28.18
CA THR A 55 -21.26 19.40 28.27
C THR A 55 -22.18 20.61 28.01
N ASP A 56 -23.32 20.31 27.41
CA ASP A 56 -24.35 21.29 27.05
C ASP A 56 -25.41 21.16 28.12
N GLU A 57 -25.56 22.19 28.95
CA GLU A 57 -26.31 22.03 30.21
C GLU A 57 -27.62 22.82 30.28
N HIS A 58 -27.75 23.89 29.52
CA HIS A 58 -29.00 24.65 29.49
C HIS A 58 -30.04 23.99 28.60
N GLY A 59 -31.22 24.58 28.54
CA GLY A 59 -32.23 24.24 27.55
C GLY A 59 -33.40 23.41 28.06
N GLN A 60 -34.46 23.40 27.25
CA GLN A 60 -35.70 22.68 27.54
C GLN A 60 -35.48 21.16 27.68
N LYS A 61 -34.79 20.57 26.72
CA LYS A 61 -34.42 19.15 26.79
C LYS A 61 -33.86 18.74 28.16
N VAL A 62 -32.82 19.45 28.60
CA VAL A 62 -32.10 19.11 29.83
C VAL A 62 -32.95 19.39 31.08
N ALA A 63 -33.67 20.51 31.09
CA ALA A 63 -34.54 20.89 32.20
C ALA A 63 -35.66 19.89 32.39
N GLU A 64 -36.25 19.44 31.28
CA GLU A 64 -37.34 18.47 31.33
C GLU A 64 -36.86 17.07 31.70
N ALA A 65 -35.59 16.76 31.42
CA ALA A 65 -34.98 15.53 31.92
C ALA A 65 -34.78 15.61 33.43
N ALA A 66 -34.39 16.78 33.92
CA ALA A 66 -34.15 16.99 35.34
C ALA A 66 -35.47 16.95 36.07
N LYS A 67 -36.49 17.53 35.46
CA LYS A 67 -37.83 17.54 36.05
C LYS A 67 -38.36 16.10 36.14
N GLN A 68 -38.20 15.33 35.07
CA GLN A 68 -38.64 13.94 35.03
C GLN A 68 -37.92 13.02 36.02
N LYS A 69 -36.81 13.47 36.61
CA LYS A 69 -36.12 12.72 37.68
C LYS A 69 -36.35 13.36 39.04
N GLN A 70 -37.19 14.40 39.08
CA GLN A 70 -37.53 15.11 40.31
C GLN A 70 -36.30 15.67 41.02
N VAL A 71 -35.47 16.36 40.28
CA VAL A 71 -34.25 16.96 40.82
C VAL A 71 -34.10 18.36 40.24
N SER A 72 -33.37 19.22 40.94
CA SER A 72 -33.14 20.59 40.46
C SER A 72 -32.13 20.56 39.33
N PRO A 73 -32.36 21.37 38.28
CA PRO A 73 -31.41 21.48 37.18
C PRO A 73 -29.98 21.75 37.66
N TYR A 74 -29.83 22.66 38.62
CA TYR A 74 -28.52 22.95 39.18
C TYR A 74 -27.84 21.66 39.64
N ASP A 75 -28.53 20.87 40.48
CA ASP A 75 -27.99 19.61 41.03
C ASP A 75 -27.79 18.54 39.96
N PHE A 76 -28.74 18.47 39.04
CA PHE A 76 -28.73 17.50 37.95
C PHE A 76 -27.60 17.76 36.93
N THR A 77 -27.56 18.97 36.37
CA THR A 77 -26.50 19.30 35.44
C THR A 77 -25.14 19.01 36.08
N THR A 78 -24.95 19.38 37.34
CA THR A 78 -23.69 19.08 38.06
C THR A 78 -23.41 17.56 38.20
N ALA A 79 -24.42 16.78 38.54
CA ALA A 79 -24.19 15.35 38.79
C ALA A 79 -23.80 14.62 37.49
N VAL A 80 -24.53 14.89 36.41
CA VAL A 80 -24.24 14.27 35.11
C VAL A 80 -22.94 14.81 34.55
N ALA A 81 -22.72 16.12 34.67
CA ALA A 81 -21.44 16.72 34.28
C ALA A 81 -20.29 15.93 34.95
N GLY A 82 -20.43 15.64 36.23
CA GLY A 82 -19.46 14.81 36.93
C GLY A 82 -19.28 13.42 36.34
N GLU A 83 -20.38 12.80 35.92
CA GLU A 83 -20.35 11.47 35.32
C GLU A 83 -19.57 11.46 34.01
N PHE A 84 -19.71 12.52 33.23
CA PHE A 84 -18.96 12.68 31.97
C PHE A 84 -17.47 12.83 32.23
N LYS A 85 -17.11 13.68 33.19
CA LYS A 85 -15.70 13.90 33.56
C LYS A 85 -15.04 12.63 34.05
N LYS A 86 -15.71 11.91 34.93
CA LYS A 86 -15.23 10.59 35.36
C LYS A 86 -15.08 9.64 34.18
N CAS A 87 -16.08 9.63 33.31
CA CAS A 87 -16.04 8.81 32.11
CB CAS A 87 -17.35 8.90 31.31
C CAS A 87 -14.85 9.14 31.27
O CAS A 87 -14.09 8.26 30.88
SG CAS A 87 -17.28 7.96 29.81
AS CAS A 87 -18.00 6.02 30.59
CE1 CAS A 87 -19.51 5.08 29.69
CE2 CAS A 87 -17.15 5.23 32.21
N PHE A 88 -14.61 10.43 31.04
CA PHE A 88 -13.48 10.82 30.20
C PHE A 88 -12.13 10.70 30.89
N GLU A 89 -12.10 10.79 32.22
CA GLU A 89 -10.87 10.50 32.94
C GLU A 89 -10.52 9.03 32.76
N GLN A 90 -11.52 8.16 32.89
CA GLN A 90 -11.27 6.73 32.90
C GLN A 90 -11.00 6.16 31.50
N MET A 91 -11.27 6.96 30.47
CA MET A 91 -10.96 6.56 29.10
C MET A 91 -9.54 6.96 28.72
N ASP A 92 -8.86 7.70 29.60
CA ASP A 92 -7.46 8.10 29.39
C ASP A 92 -7.29 8.96 28.15
N TYR A 93 -8.11 9.99 28.02
CA TYR A 93 -7.90 10.99 27.00
C TYR A 93 -6.80 11.93 27.45
N SER A 94 -6.48 12.89 26.59
CA SER A 94 -5.58 13.97 26.94
C SER A 94 -6.18 15.29 26.43
N ILE A 95 -7.34 15.61 26.99
CA ILE A 95 -8.05 16.84 26.68
C ILE A 95 -7.55 17.95 27.59
N ASP A 96 -7.33 19.13 27.03
CA ASP A 96 -6.75 20.22 27.79
C ASP A 96 -7.77 20.91 28.69
N TYR A 97 -9.04 20.91 28.30
CA TYR A 97 -10.07 21.55 29.11
C TYR A 97 -11.47 20.97 28.89
N PHE A 98 -12.23 20.90 29.99
CA PHE A 98 -13.60 20.40 30.01
C PHE A 98 -14.53 21.56 30.34
N ILE A 99 -15.28 22.05 29.35
CA ILE A 99 -16.06 23.28 29.51
C ILE A 99 -17.52 22.95 29.75
N ARG A 100 -18.14 23.67 30.68
CA ARG A 100 -19.56 23.54 30.96
C ARG A 100 -20.27 24.84 30.58
N THR A 101 -21.44 24.71 29.96
CA THR A 101 -22.17 25.90 29.49
C THR A 101 -22.78 26.67 30.67
N THR A 102 -22.86 26.03 31.84
CA THR A 102 -23.28 26.68 33.08
C THR A 102 -22.17 27.48 33.71
N ASN A 103 -20.97 27.48 33.11
CA ASN A 103 -19.87 28.28 33.61
C ASN A 103 -20.19 29.76 33.45
N GLU A 104 -19.76 30.57 34.41
CA GLU A 104 -20.15 31.97 34.46
C GLU A 104 -19.40 32.78 33.40
N GLN A 105 -18.17 32.37 33.07
CA GLN A 105 -17.40 33.02 32.01
C GLN A 105 -17.97 32.68 30.64
N HIS A 106 -18.38 31.43 30.46
CA HIS A 106 -19.13 31.06 29.27
C HIS A 106 -20.30 31.95 29.07
N LYS A 107 -21.12 32.10 30.11
CA LYS A 107 -22.29 32.96 30.04
C LYS A 107 -21.93 34.36 29.56
N ALA A 108 -20.81 34.88 30.04
CA ALA A 108 -20.31 36.20 29.65
C ALA A 108 -20.04 36.30 28.14
N VAL A 109 -19.37 35.29 27.59
CA VAL A 109 -19.04 35.27 26.17
C VAL A 109 -20.32 35.26 25.32
N VAL A 110 -21.32 34.47 25.72
CA VAL A 110 -22.58 34.41 24.98
C VAL A 110 -23.18 35.81 24.89
N LYS A 111 -23.22 36.51 26.03
CA LYS A 111 -23.77 37.84 26.07
C LYS A 111 -22.97 38.85 25.20
N GLU A 112 -21.65 38.70 25.15
CA GLU A 112 -20.81 39.54 24.30
C GLU A 112 -21.12 39.24 22.83
N LEU A 113 -21.14 37.95 22.50
CA LEU A 113 -21.39 37.52 21.12
C LEU A 113 -22.76 38.00 20.69
N TRP A 114 -23.76 37.80 21.54
CA TRP A 114 -25.10 38.27 21.25
C TRP A 114 -25.13 39.73 20.96
N THR A 115 -24.43 40.52 21.78
CA THR A 115 -24.46 41.97 21.65
C THR A 115 -23.88 42.38 20.30
N LYS A 116 -22.84 41.69 19.85
CA LYS A 116 -22.22 42.01 18.57
C LYS A 116 -23.19 41.71 17.44
N LEU A 117 -23.83 40.55 17.50
CA LEU A 117 -24.83 40.20 16.48
C LEU A 117 -25.90 41.28 16.39
N GLU A 118 -26.32 41.83 17.54
CA GLU A 118 -27.39 42.81 17.58
C GLU A 118 -26.89 44.16 17.06
N GLN A 119 -25.71 44.56 17.50
CA GLN A 119 -25.13 45.82 17.08
C GLN A 119 -24.92 45.85 15.58
N LYS A 120 -24.61 44.70 15.00
CA LYS A 120 -24.40 44.58 13.55
C LYS A 120 -25.71 44.72 12.75
N GLY A 121 -26.85 44.66 13.43
CA GLY A 121 -28.14 44.85 12.80
C GLY A 121 -28.69 43.54 12.28
N ASP A 122 -28.29 42.44 12.90
CA ASP A 122 -28.58 41.10 12.42
C ASP A 122 -29.56 40.34 13.31
N ILE A 123 -30.12 41.01 14.31
CA ILE A 123 -31.16 40.40 15.14
C ILE A 123 -32.38 41.31 15.26
N TYR A 124 -33.54 40.75 14.96
CA TYR A 124 -34.81 41.49 14.99
C TYR A 124 -35.84 40.70 15.77
N LEU A 125 -36.82 41.42 16.30
CA LEU A 125 -37.89 40.79 17.04
C LEU A 125 -38.87 40.30 16.01
N GLY A 126 -39.12 39.00 16.04
CA GLY A 126 -40.09 38.37 15.15
C GLY A 126 -40.93 37.29 15.82
N ARG A 127 -41.48 36.40 15.00
CA ARG A 127 -42.19 35.20 15.45
C ARG A 127 -41.63 33.95 14.77
N TYR A 128 -41.62 32.83 15.47
CA TYR A 128 -41.46 31.53 14.83
C TYR A 128 -42.74 30.76 15.05
N GLU A 129 -43.38 30.38 13.95
CA GLU A 129 -44.54 29.50 13.98
C GLU A 129 -44.18 28.31 13.12
N GLY A 130 -43.91 27.18 13.76
CA GLY A 130 -43.45 26.02 13.04
C GLY A 130 -43.12 24.88 13.98
N TRP A 131 -42.60 23.81 13.38
CA TRP A 131 -42.26 22.62 14.13
C TRP A 131 -40.94 22.76 14.88
N TYR A 132 -40.82 22.00 15.95
CA TYR A 132 -39.61 21.98 16.75
C TYR A 132 -39.42 20.58 17.33
N SER A 133 -38.19 20.11 17.37
CA SER A 133 -37.86 18.85 18.04
C SER A 133 -37.12 19.16 19.34
N ILE A 134 -37.80 18.97 20.47
CA ILE A 134 -37.22 19.27 21.75
C ILE A 134 -35.96 18.42 21.99
N SER A 135 -36.02 17.14 21.62
CA SER A 135 -34.88 16.25 21.86
C SER A 135 -33.65 16.63 21.05
N ASP A 136 -33.86 17.26 19.90
CA ASP A 136 -32.76 17.71 19.05
C ASP A 136 -32.51 19.20 19.19
N GLU A 137 -33.38 19.87 19.93
CA GLU A 137 -33.36 21.34 20.02
C GLU A 137 -33.26 21.97 18.63
N SER A 138 -34.07 21.48 17.70
CA SER A 138 -33.95 21.80 16.28
C SER A 138 -35.26 22.28 15.67
N PHE A 139 -35.21 23.45 15.01
CA PHE A 139 -36.31 23.90 14.18
C PHE A 139 -36.34 23.03 12.91
N LEU A 140 -37.53 22.66 12.46
CA LEU A 140 -37.70 21.85 11.26
C LEU A 140 -38.82 22.40 10.41
N THR A 141 -38.65 22.34 9.09
CA THR A 141 -39.71 22.73 8.16
C THR A 141 -40.65 21.55 8.00
N PRO A 142 -41.86 21.76 7.44
CA PRO A 142 -42.80 20.66 7.30
C PRO A 142 -42.28 19.50 6.45
N GLN A 143 -41.41 19.83 5.49
CA GLN A 143 -40.78 18.83 4.63
C GLN A 143 -39.94 17.83 5.46
N ASN A 144 -39.49 18.24 6.64
CA ASN A 144 -38.66 17.38 7.50
C ASN A 144 -39.39 16.66 8.64
N ILE A 145 -40.71 16.49 8.54
CA ILE A 145 -41.44 15.73 9.55
C ILE A 145 -42.34 14.71 8.88
N THR A 146 -42.88 13.81 9.69
CA THR A 146 -43.70 12.73 9.19
C THR A 146 -44.51 12.16 10.34
N ASP A 147 -45.23 11.07 10.10
CA ASP A 147 -46.07 10.48 11.14
C ASP A 147 -45.34 9.37 11.89
N GLY A 148 -45.74 9.16 13.14
CA GLY A 148 -45.09 8.17 13.98
C GLY A 148 -45.75 8.05 15.33
N VAL A 149 -45.08 7.31 16.23
CA VAL A 149 -45.68 6.96 17.52
C VAL A 149 -45.04 7.62 18.75
N ASP A 150 -45.90 7.82 19.73
CA ASP A 150 -45.60 8.51 20.99
C ASP A 150 -44.62 7.71 21.83
N GLY A 153 -47.20 5.21 22.44
CA GLY A 153 -48.05 4.55 21.45
C GLY A 153 -49.31 5.34 21.08
N ASN A 154 -49.12 6.57 20.64
CA ASN A 154 -50.21 7.41 20.11
C ASN A 154 -49.78 8.08 18.79
N PRO A 155 -50.75 8.45 17.94
CA PRO A 155 -50.41 9.04 16.63
C PRO A 155 -49.87 10.48 16.77
N CYS A 156 -48.60 10.67 16.42
CA CYS A 156 -47.97 11.98 16.51
C CYS A 156 -47.06 12.28 15.33
N LYS A 157 -46.53 13.50 15.29
CA LYS A 157 -45.55 13.87 14.28
C LYS A 157 -44.13 13.63 14.82
N VAL A 158 -43.22 13.29 13.92
CA VAL A 158 -41.83 13.01 14.26
C VAL A 158 -40.88 13.63 13.23
N SER A 159 -39.67 13.95 13.67
CA SER A 159 -38.64 14.50 12.80
C SER A 159 -38.09 13.43 11.88
N LEU A 160 -37.88 13.77 10.61
CA LEU A 160 -37.24 12.87 9.65
C LEU A 160 -35.76 12.69 9.99
N GLU A 161 -35.09 13.77 10.42
CA GLU A 161 -33.72 13.67 10.94
C GLU A 161 -33.65 12.49 11.94
N SER A 162 -34.28 12.63 13.09
CA SER A 162 -33.96 11.78 14.23
C SER A 162 -35.05 10.82 14.64
N GLY A 163 -36.26 10.99 14.11
CA GLY A 163 -37.39 10.16 14.54
C GLY A 163 -37.95 10.50 15.92
N HIS A 164 -37.50 11.61 16.51
CA HIS A 164 -38.04 12.05 17.81
C HIS A 164 -39.31 12.83 17.64
N VAL A 165 -40.11 12.92 18.70
CA VAL A 165 -41.38 13.63 18.63
C VAL A 165 -41.16 15.12 18.45
N VAL A 166 -41.92 15.70 17.51
CA VAL A 166 -41.88 17.12 17.19
C VAL A 166 -43.14 17.81 17.69
N THR A 167 -43.04 19.10 18.00
CA THR A 167 -44.18 19.84 18.54
C THR A 167 -44.28 21.17 17.84
N TRP A 168 -45.49 21.72 17.76
CA TRP A 168 -45.70 23.03 17.15
C TRP A 168 -45.34 24.10 18.13
N VAL A 169 -44.83 25.22 17.63
CA VAL A 169 -44.39 26.31 18.48
C VAL A 169 -44.83 27.62 17.81
N SER A 170 -45.42 28.52 18.60
CA SER A 170 -45.82 29.82 18.09
C SER A 170 -45.48 30.89 19.12
N GLU A 171 -44.31 31.49 18.95
CA GLU A 171 -43.74 32.41 19.92
C GLU A 171 -43.17 33.63 19.21
N GLU A 172 -43.31 34.77 19.86
CA GLU A 172 -42.52 35.92 19.52
C GLU A 172 -41.10 35.61 19.99
N ASN A 173 -40.17 35.51 19.05
CA ASN A 173 -38.76 35.22 19.33
C ASN A 173 -37.88 36.27 18.69
N TYR A 174 -36.67 36.42 19.22
CA TYR A 174 -35.64 37.20 18.53
C TYR A 174 -35.14 36.34 17.38
N MET A 175 -35.11 36.93 16.19
CA MET A 175 -34.69 36.24 14.96
C MET A 175 -33.32 36.73 14.50
N PHE A 176 -32.50 35.81 14.01
CA PHE A 176 -31.21 36.10 13.41
C PHE A 176 -31.31 36.05 11.89
N ARG A 177 -30.67 36.99 11.22
CA ARG A 177 -30.86 37.13 9.78
C ARG A 177 -30.01 36.14 8.98
N LEU A 178 -30.24 34.84 9.19
CA LEU A 178 -29.47 33.80 8.50
C LEU A 178 -29.62 33.91 6.98
N SER A 179 -30.82 34.23 6.51
CA SER A 179 -31.07 34.38 5.09
C SER A 179 -30.13 35.40 4.43
N ALA A 180 -29.61 36.34 5.21
CA ALA A 180 -28.64 37.29 4.67
C ALA A 180 -27.26 36.67 4.40
N PHE A 181 -27.03 35.43 4.83
CA PHE A 181 -25.69 34.84 4.78
C PHE A 181 -25.55 33.68 3.77
N ARG A 182 -26.63 33.39 3.04
CA ARG A 182 -26.63 32.31 2.05
C ARG A 182 -25.50 32.43 1.05
N GLU A 183 -25.37 33.61 0.46
CA GLU A 183 -24.39 33.80 -0.60
C GLU A 183 -22.95 33.75 -0.08
N ARG A 184 -22.71 34.31 1.10
CA ARG A 184 -21.38 34.23 1.72
C ARG A 184 -21.02 32.81 2.17
N LEU A 185 -21.99 32.08 2.71
CA LEU A 185 -21.74 30.69 3.06
C LEU A 185 -21.37 29.90 1.81
N LEU A 186 -22.04 30.19 0.70
CA LEU A 186 -21.77 29.52 -0.58
C LEU A 186 -20.37 29.85 -1.10
N GLU A 187 -19.96 31.12 -0.99
CA GLU A 187 -18.58 31.50 -1.33
C GLU A 187 -17.59 30.69 -0.49
N TRP A 188 -17.89 30.53 0.78
CA TRP A 188 -17.01 29.88 1.72
C TRP A 188 -16.87 28.40 1.43
N TYR A 189 -17.98 27.70 1.24
CA TYR A 189 -17.95 26.28 0.90
C TYR A 189 -17.11 25.97 -0.35
N HIS A 190 -17.10 26.90 -1.32
CA HIS A 190 -16.47 26.68 -2.61
C HIS A 190 -15.03 27.11 -2.61
N ALA A 191 -14.75 28.20 -1.90
CA ALA A 191 -13.40 28.75 -1.87
C ALA A 191 -12.54 27.94 -0.94
N ASN A 192 -13.16 27.17 -0.05
CA ASN A 192 -12.44 26.28 0.85
C ASN A 192 -13.06 24.88 0.78
N PRO A 193 -12.74 24.15 -0.29
CA PRO A 193 -13.26 22.79 -0.54
C PRO A 193 -12.95 21.76 0.53
N GLY A 194 -12.02 22.05 1.44
CA GLY A 194 -11.77 21.13 2.54
C GLY A 194 -12.43 21.53 3.85
N CYS A 195 -13.30 22.52 3.83
CA CYS A 195 -13.83 23.01 5.09
C CYS A 195 -14.79 22.01 5.74
N ILE A 196 -15.47 21.21 4.94
CA ILE A 196 -16.32 20.14 5.49
C ILE A 196 -15.81 18.81 5.00
N VAL A 197 -15.64 17.88 5.93
CA VAL A 197 -15.20 16.50 5.65
C VAL A 197 -16.18 15.57 6.34
N PRO A 198 -16.59 14.48 5.67
CA PRO A 198 -16.16 13.99 4.38
C PRO A 198 -16.83 14.74 3.25
N GLU A 199 -16.26 14.66 2.06
CA GLU A 199 -16.73 15.37 0.89
C GLU A 199 -18.24 15.26 0.62
N PHE A 200 -18.85 14.09 0.84
CA PHE A 200 -20.28 13.95 0.50
C PHE A 200 -21.19 14.75 1.44
N ARG A 201 -20.71 14.99 2.66
CA ARG A 201 -21.41 15.86 3.61
C ARG A 201 -21.19 17.32 3.24
N ARG A 202 -20.06 17.61 2.61
CA ARG A 202 -19.86 18.95 2.07
C ARG A 202 -20.89 19.24 0.97
N ARG A 203 -21.16 18.26 0.10
CA ARG A 203 -22.12 18.42 -0.98
C ARG A 203 -23.53 18.56 -0.42
N GLU A 204 -23.85 17.77 0.61
CA GLU A 204 -25.13 17.90 1.31
C GLU A 204 -25.40 19.31 1.82
N VAL A 205 -24.41 19.91 2.47
CA VAL A 205 -24.57 21.26 3.03
C VAL A 205 -24.80 22.27 1.91
N ILE A 206 -24.00 22.20 0.85
CA ILE A 206 -24.13 23.12 -0.27
C ILE A 206 -25.51 23.04 -0.91
N ARG A 207 -26.03 21.83 -1.08
CA ARG A 207 -27.38 21.65 -1.62
C ARG A 207 -28.40 22.32 -0.70
N ALA A 208 -28.25 22.12 0.61
CA ALA A 208 -29.19 22.66 1.58
C ALA A 208 -29.24 24.18 1.50
N VAL A 209 -28.07 24.80 1.40
CA VAL A 209 -28.00 26.24 1.43
C VAL A 209 -28.39 26.79 0.06
N GLU A 210 -28.13 26.02 -0.99
CA GLU A 210 -28.56 26.44 -2.34
C GLU A 210 -30.07 26.55 -2.42
N LYS A 211 -30.79 25.61 -1.80
CA LYS A 211 -32.25 25.64 -1.78
C LYS A 211 -32.79 26.91 -1.10
N GLY A 212 -32.04 27.46 -0.16
CA GLY A 212 -32.40 28.72 0.47
C GLY A 212 -32.34 28.59 1.97
N LEU A 213 -32.18 29.72 2.65
CA LEU A 213 -32.11 29.73 4.10
C LEU A 213 -33.15 30.69 4.66
N PRO A 214 -33.95 30.20 5.60
CA PRO A 214 -34.83 31.08 6.34
C PRO A 214 -34.05 31.71 7.51
N ASP A 215 -34.64 32.71 8.17
CA ASP A 215 -34.05 33.24 9.37
C ASP A 215 -34.26 32.28 10.50
N LEU A 216 -33.48 32.44 11.56
CA LEU A 216 -33.37 31.44 12.60
C LEU A 216 -33.79 32.10 13.90
N SER A 217 -34.59 31.37 14.69
CA SER A 217 -34.97 31.85 16.01
C SER A 217 -33.82 31.65 16.99
N VAL A 218 -33.30 32.75 17.52
CA VAL A 218 -32.18 32.69 18.47
C VAL A 218 -32.57 33.03 19.92
N SER A 219 -33.85 33.35 20.15
CA SER A 219 -34.40 33.37 21.52
C SER A 219 -35.69 32.57 21.64
N ARG A 220 -36.04 32.25 22.89
CA ARG A 220 -37.29 31.59 23.22
C ARG A 220 -37.92 32.26 24.44
N ALA A 221 -39.24 32.20 24.53
CA ALA A 221 -39.98 32.68 25.69
C ALA A 221 -39.48 31.95 26.93
N ARG A 222 -39.30 32.68 28.04
CA ARG A 222 -38.69 32.09 29.24
C ARG A 222 -39.52 30.98 29.90
N ALA A 223 -40.84 31.10 29.84
CA ALA A 223 -41.70 30.03 30.34
C ALA A 223 -41.33 28.68 29.69
N THR A 224 -41.25 28.68 28.35
CA THR A 224 -40.98 27.45 27.58
C THR A 224 -39.77 26.64 28.04
N LEU A 225 -38.68 27.34 28.40
CA LEU A 225 -37.42 26.70 28.82
C LEU A 225 -37.33 26.43 30.34
N HIS A 226 -38.43 26.60 31.06
CA HIS A 226 -38.40 26.45 32.53
C HIS A 226 -37.31 27.29 33.15
N ASN A 227 -37.08 28.46 32.57
CA ASN A 227 -36.07 29.40 33.05
C ASN A 227 -34.70 28.78 33.30
N TRP A 228 -34.31 27.88 32.39
CA TRP A 228 -33.07 27.16 32.50
C TRP A 228 -32.25 27.41 31.26
N ALA A 229 -31.67 28.61 31.20
CA ALA A 229 -31.05 29.15 29.98
C ALA A 229 -30.34 30.45 30.31
N ILE A 230 -29.62 31.00 29.34
CA ILE A 230 -28.96 32.30 29.50
C ILE A 230 -29.88 33.44 29.07
N PRO A 231 -30.06 34.46 29.92
CA PRO A 231 -31.00 35.51 29.49
C PRO A 231 -30.46 36.32 28.33
N VAL A 232 -31.35 36.72 27.43
CA VAL A 232 -31.02 37.68 26.38
C VAL A 232 -30.71 39.02 27.04
N PRO A 233 -29.55 39.61 26.68
CA PRO A 233 -29.22 40.97 27.16
C PRO A 233 -30.25 42.01 26.77
N GLY A 234 -30.73 42.75 27.75
CA GLY A 234 -31.73 43.80 27.49
C GLY A 234 -33.16 43.28 27.42
N ASN A 235 -33.35 41.97 27.63
CA ASN A 235 -34.69 41.40 27.66
C ASN A 235 -34.75 40.12 28.48
N PRO A 236 -35.01 40.27 29.80
CA PRO A 236 -35.10 39.14 30.73
C PRO A 236 -36.26 38.17 30.46
N ASP A 237 -37.26 38.61 29.68
CA ASP A 237 -38.37 37.73 29.33
C ASP A 237 -37.96 36.64 28.34
N HIS A 238 -36.85 36.85 27.63
CA HIS A 238 -36.33 35.92 26.63
C HIS A 238 -35.11 35.14 27.09
N CAS A 239 -34.81 34.03 26.43
CA CAS A 239 -33.55 33.29 26.71
CB CAS A 239 -33.72 31.97 27.49
C CAS A 239 -32.85 32.91 25.43
O CAS A 239 -33.49 32.48 24.47
SG CAS A 239 -34.98 31.92 28.72
AS CAS A 239 -33.89 32.83 30.43
CE1 CAS A 239 -34.77 33.93 31.85
CE2 CAS A 239 -31.95 32.62 30.64
N VAL A 240 -31.53 33.01 25.43
CA VAL A 240 -30.74 32.65 24.26
C VAL A 240 -30.93 31.17 23.85
N TYR A 241 -31.21 30.96 22.55
CA TYR A 241 -31.35 29.62 21.99
C TYR A 241 -30.21 28.73 22.45
N VAL A 242 -30.56 27.55 22.97
CA VAL A 242 -29.56 26.62 23.53
C VAL A 242 -28.40 26.33 22.57
N TRP A 243 -28.64 26.38 21.27
CA TRP A 243 -27.62 26.09 20.28
C TRP A 243 -26.67 27.20 20.05
N LEU A 244 -27.15 28.44 20.08
CA LEU A 244 -26.27 29.60 19.97
C LEU A 244 -25.38 29.64 21.21
N ASP A 245 -26.00 29.44 22.37
CA ASP A 245 -25.31 29.23 23.63
C ASP A 245 -24.27 28.11 23.46
N ALA A 246 -24.73 26.90 23.11
CA ALA A 246 -23.87 25.72 22.95
C ALA A 246 -22.68 25.93 22.00
N LEU A 247 -22.94 26.51 20.83
CA LEU A 247 -21.88 26.74 19.85
C LEU A 247 -20.87 27.76 20.34
N THR A 248 -21.29 28.63 21.25
CA THR A 248 -20.39 29.65 21.72
C THR A 248 -19.29 29.03 22.60
N ASN A 249 -19.50 27.78 23.06
CA ASN A 249 -18.49 27.12 23.90
C ASN A 249 -17.12 27.13 23.24
N TYR A 250 -17.09 27.04 21.91
CA TYR A 250 -15.83 27.02 21.21
C TYR A 250 -15.08 28.35 21.39
N LEU A 251 -15.81 29.46 21.26
CA LEU A 251 -15.21 30.80 21.42
C LEU A 251 -14.75 31.04 22.86
N THR A 252 -15.60 30.64 23.79
CA THR A 252 -15.28 30.68 25.21
C THR A 252 -14.08 29.81 25.54
N GLY A 253 -14.05 28.61 25.01
CA GLY A 253 -12.88 27.75 25.23
C GLY A 253 -11.63 28.45 24.77
N SER A 254 -11.70 29.10 23.62
CA SER A 254 -10.53 29.69 23.03
C SER A 254 -9.98 30.85 23.85
N ARG A 255 -10.81 31.39 24.75
CA ARG A 255 -10.47 32.55 25.56
C ARG A 255 -10.18 32.29 27.04
N LEU A 256 -10.17 31.02 27.45
CA LEU A 256 -9.97 30.65 28.85
C LEU A 256 -8.52 30.28 29.14
N ARG A 257 -7.88 31.02 30.05
CA ARG A 257 -6.61 30.58 30.63
C ARG A 257 -6.86 29.50 31.68
N VAL A 258 -6.16 28.37 31.55
CA VAL A 258 -6.36 27.20 32.38
C VAL A 258 -5.06 26.81 33.09
N ASP A 259 -5.15 26.28 34.30
CA ASP A 259 -3.94 25.87 35.05
C ASP A 259 -3.66 24.37 34.89
N GLU A 260 -2.55 23.89 35.46
CA GLU A 260 -2.14 22.48 35.37
C GLU A 260 -3.22 21.53 35.95
N SER A 261 -4.02 22.02 36.88
CA SER A 261 -5.14 21.28 37.44
C SER A 261 -6.27 21.04 36.42
N GLY A 262 -6.43 21.94 35.45
CA GLY A 262 -7.52 21.87 34.47
C GLY A 262 -8.69 22.75 34.84
N LYS A 263 -8.54 23.53 35.90
CA LYS A 263 -9.49 24.57 36.32
C LYS A 263 -9.17 25.82 35.50
N GLU A 264 -10.21 26.56 35.10
CA GLU A 264 -10.01 27.83 34.39
C GLU A 264 -9.77 28.95 35.39
N VAL A 265 -8.76 29.76 35.14
CA VAL A 265 -8.42 30.83 36.06
C VAL A 265 -8.81 32.22 35.54
N SER A 266 -9.13 32.34 34.25
CA SER A 266 -9.28 33.67 33.67
C SER A 266 -9.90 33.65 32.27
N LEU A 267 -10.76 34.61 31.99
CA LEU A 267 -11.33 34.79 30.67
C LEU A 267 -10.70 36.03 30.05
N VAL A 268 -9.97 35.87 28.95
CA VAL A 268 -9.33 37.00 28.29
C VAL A 268 -10.29 37.76 27.39
N ASP A 269 -10.06 39.06 27.25
CA ASP A 269 -10.90 39.94 26.45
C ASP A 269 -10.92 39.57 24.97
N ASP A 270 -9.73 39.33 24.42
CA ASP A 270 -9.55 39.16 22.98
C ASP A 270 -8.98 37.77 22.72
N PHE A 271 -9.69 36.97 21.93
CA PHE A 271 -9.25 35.58 21.63
C PHE A 271 -7.80 35.48 21.11
N ASN A 272 -7.35 36.51 20.42
CA ASN A 272 -6.00 36.52 19.86
C ASN A 272 -4.94 36.32 20.93
N GLU A 273 -5.21 36.77 22.14
CA GLU A 273 -4.25 36.66 23.23
C GLU A 273 -3.82 35.20 23.53
N LEU A 274 -4.71 34.23 23.29
CA LEU A 274 -4.33 32.82 23.50
C LEU A 274 -4.00 32.08 22.20
N GLU A 275 -4.24 32.71 21.06
CA GLU A 275 -3.89 32.20 19.73
C GLU A 275 -4.55 30.85 19.39
N ARG A 276 -5.77 30.62 19.89
CA ARG A 276 -6.48 29.36 19.64
C ARG A 276 -7.55 29.47 18.57
N PHE A 277 -8.29 30.57 18.63
CA PHE A 277 -9.43 30.73 17.76
C PHE A 277 -8.98 31.19 16.38
N PRO A 278 -9.66 30.73 15.32
CA PRO A 278 -10.76 29.77 15.27
C PRO A 278 -10.26 28.32 15.31
N ALA A 279 -11.16 27.38 15.62
CA ALA A 279 -10.83 25.96 15.64
C ALA A 279 -10.25 25.53 14.32
N ASP A 280 -9.22 24.70 14.39
CA ASP A 280 -8.63 24.11 13.20
C ASP A 280 -9.45 22.91 12.75
N VAL A 281 -10.04 22.20 13.71
CA VAL A 281 -10.92 21.07 13.43
C VAL A 281 -12.02 20.96 14.48
N HIS A 282 -13.28 21.02 14.06
CA HIS A 282 -14.41 20.69 14.92
C HIS A 282 -14.82 19.27 14.61
N VAL A 283 -14.57 18.33 15.52
CA VAL A 283 -15.11 16.97 15.40
C VAL A 283 -16.59 16.99 15.79
N ILE A 284 -17.48 16.58 14.88
CA ILE A 284 -18.91 16.40 15.19
C ILE A 284 -19.51 15.09 14.65
N GLY A 285 -20.69 14.75 15.13
CA GLY A 285 -21.44 13.63 14.56
C GLY A 285 -22.32 14.09 13.41
N LYS A 286 -22.70 13.15 12.54
CA LYS A 286 -23.52 13.46 11.36
C LYS A 286 -24.83 14.15 11.72
N ASP A 287 -25.33 13.88 12.91
CA ASP A 287 -26.61 14.44 13.35
C ASP A 287 -26.61 15.94 13.71
N ILE A 288 -25.45 16.59 13.75
CA ILE A 288 -25.42 18.01 14.13
C ILE A 288 -24.65 18.87 13.15
N LEU A 289 -24.79 18.54 11.87
CA LEU A 289 -24.09 19.21 10.80
C LEU A 289 -24.58 20.65 10.57
N LYS A 290 -25.90 20.86 10.54
CA LYS A 290 -26.41 22.16 10.15
C LYS A 290 -25.96 23.26 11.09
N PHE A 291 -25.84 22.94 12.38
CA PHE A 291 -25.52 23.96 13.38
C PHE A 291 -24.07 24.44 13.19
N HIS A 292 -23.21 23.54 12.73
CA HIS A 292 -21.77 23.80 12.63
C HIS A 292 -21.36 24.33 11.29
N ALA A 293 -22.03 23.87 10.24
CA ALA A 293 -21.67 24.19 8.87
C ALA A 293 -22.50 25.32 8.27
N ILE A 294 -23.68 25.57 8.86
CA ILE A 294 -24.53 26.68 8.43
C ILE A 294 -24.60 27.78 9.50
N TYR A 295 -25.19 27.46 10.65
CA TYR A 295 -25.48 28.50 11.64
C TYR A 295 -24.19 29.13 12.19
N TRP A 296 -23.30 28.27 12.63
CA TRP A 296 -22.10 28.74 13.31
C TRP A 296 -21.31 29.69 12.46
N PRO A 297 -21.04 29.34 11.19
CA PRO A 297 -20.36 30.28 10.30
C PRO A 297 -21.09 31.60 10.15
N ALA A 298 -22.41 31.55 9.99
CA ALA A 298 -23.21 32.77 9.81
C ALA A 298 -23.06 33.67 11.02
N PHE A 299 -23.11 33.09 12.23
CA PHE A 299 -22.91 33.88 13.44
C PHE A 299 -21.54 34.53 13.42
N LEU A 300 -20.53 33.74 13.09
CA LEU A 300 -19.16 34.23 13.05
C LEU A 300 -19.01 35.34 12.03
N LEU A 301 -19.61 35.15 10.86
CA LEU A 301 -19.54 36.15 9.79
C LEU A 301 -20.18 37.46 10.23
N SER A 302 -21.33 37.36 10.88
CA SER A 302 -22.09 38.50 11.37
C SER A 302 -21.26 39.32 12.37
N ALA A 303 -20.66 38.60 13.32
CA ALA A 303 -19.89 39.21 14.40
C ALA A 303 -18.50 39.69 13.97
N GLY A 304 -18.05 39.31 12.78
CA GLY A 304 -16.72 39.66 12.33
C GLY A 304 -15.62 38.71 12.81
N LEU A 305 -15.97 37.49 13.21
CA LEU A 305 -14.98 36.53 13.71
C LEU A 305 -14.49 35.58 12.62
N PRO A 306 -13.25 35.10 12.74
CA PRO A 306 -12.72 34.17 11.73
C PRO A 306 -13.45 32.84 11.78
N LEU A 307 -13.67 32.23 10.62
CA LEU A 307 -14.40 30.95 10.56
C LEU A 307 -13.46 29.81 10.87
N PRO A 308 -14.00 28.67 11.31
CA PRO A 308 -13.12 27.51 11.50
C PRO A 308 -12.51 27.09 10.17
N LYS A 309 -11.49 26.24 10.25
CA LYS A 309 -10.80 25.81 9.07
C LYS A 309 -11.46 24.57 8.53
N LYS A 310 -11.84 23.67 9.44
CA LYS A 310 -12.38 22.36 9.11
C LYS A 310 -13.46 21.90 10.10
N ILE A 311 -14.56 21.35 9.56
CA ILE A 311 -15.53 20.60 10.34
C ILE A 311 -15.50 19.15 9.88
N VAL A 312 -15.12 18.20 10.73
CA VAL A 312 -15.19 16.79 10.33
C VAL A 312 -16.41 16.18 11.00
N ALA A 313 -17.24 15.53 10.18
CA ALA A 313 -18.49 14.93 10.64
C ALA A 313 -18.41 13.42 10.50
N HIS A 314 -18.23 12.72 11.60
CA HIS A 314 -18.08 11.26 11.53
C HIS A 314 -19.40 10.56 11.32
N GLY A 315 -19.35 9.23 11.12
CA GLY A 315 -20.53 8.45 10.78
C GLY A 315 -21.50 8.08 11.89
N TRP A 316 -21.17 8.37 13.15
CA TRP A 316 -22.06 8.09 14.27
C TRP A 316 -23.07 9.18 14.57
N TRP A 317 -24.12 8.78 15.30
CA TRP A 317 -25.01 9.71 15.95
C TRP A 317 -24.35 10.27 17.17
N THR A 318 -24.40 11.58 17.32
CA THR A 318 -23.81 12.25 18.47
C THR A 318 -24.50 11.86 19.79
N LYS A 319 -25.78 11.48 19.75
CA LYS A 319 -26.55 11.49 20.99
C LYS A 319 -27.80 10.61 21.15
N ASP A 320 -28.04 9.59 20.34
CA ASP A 320 -29.18 8.71 20.68
C ASP A 320 -28.70 7.34 21.15
N ARG A 321 -28.98 6.99 22.42
CA ARG A 321 -28.59 5.67 22.96
C ARG A 321 -29.14 4.51 22.14
N LYS A 322 -30.42 4.61 21.78
CA LYS A 322 -31.11 3.55 21.03
C LYS A 322 -30.50 3.31 19.64
N LYS A 323 -29.90 4.34 19.05
CA LYS A 323 -29.23 4.28 17.74
C LYS A 323 -30.26 4.09 16.63
N GLY A 329 -24.84 -1.16 15.86
CA GLY A 329 -25.41 -0.49 17.02
C GLY A 329 -25.78 -1.42 18.17
N ASN A 330 -24.85 -2.33 18.52
CA ASN A 330 -25.03 -3.32 19.61
C ASN A 330 -24.80 -2.74 21.01
N VAL A 331 -25.39 -3.37 22.04
CA VAL A 331 -25.23 -2.90 23.43
C VAL A 331 -23.78 -3.04 23.90
N PHE A 332 -23.22 -1.94 24.42
CA PHE A 332 -21.78 -1.71 24.39
C PHE A 332 -21.35 -0.69 25.44
N ASP A 333 -20.96 -1.14 26.63
CA ASP A 333 -20.44 -0.22 27.63
C ASP A 333 -18.93 -0.03 27.44
N PRO A 334 -18.48 1.23 27.27
CA PRO A 334 -17.10 1.46 26.90
C PRO A 334 -16.11 1.12 27.99
N VAL A 335 -16.44 1.42 29.25
CA VAL A 335 -15.55 1.04 30.36
C VAL A 335 -15.55 -0.47 30.57
N GLU A 336 -16.71 -1.10 30.44
CA GLU A 336 -16.80 -2.56 30.58
C GLU A 336 -16.00 -3.27 29.48
N LYS A 337 -16.07 -2.77 28.26
CA LYS A 337 -15.30 -3.35 27.16
C LYS A 337 -13.80 -3.14 27.36
N ALA A 338 -13.41 -1.94 27.76
CA ALA A 338 -12.00 -1.61 27.97
C ALA A 338 -11.36 -2.49 29.05
N GLU A 339 -12.13 -2.91 30.05
CA GLU A 339 -11.60 -3.82 31.07
C GLU A 339 -11.60 -5.26 30.52
N GLU A 340 -12.58 -5.57 29.68
CA GLU A 340 -12.69 -6.86 28.99
C GLU A 340 -11.56 -7.02 27.96
N PHE A 341 -11.31 -5.98 27.15
CA PHE A 341 -10.38 -6.04 26.01
C PHE A 341 -9.17 -5.11 26.07
N GLY A 342 -9.09 -4.22 27.05
CA GLY A 342 -8.02 -3.20 27.10
C GLY A 342 -8.43 -1.85 26.50
N TYR A 343 -7.94 -0.76 27.08
CA TYR A 343 -8.35 0.59 26.67
C TYR A 343 -7.79 0.96 25.29
N ASP A 344 -6.48 0.84 25.12
CA ASP A 344 -5.84 1.09 23.84
C ASP A 344 -6.47 0.25 22.72
N ALA A 345 -6.65 -1.04 22.98
CA ALA A 345 -7.25 -1.97 22.01
C ALA A 345 -8.68 -1.58 21.60
N LEU A 346 -9.48 -1.13 22.56
CA LEU A 346 -10.83 -0.72 22.29
C LEU A 346 -10.81 0.51 21.39
N LYS A 347 -9.94 1.47 21.73
CA LYS A 347 -9.82 2.69 20.96
C LYS A 347 -9.39 2.36 19.54
N TYR A 348 -8.41 1.46 19.41
CA TYR A 348 -7.95 1.04 18.08
C TYR A 348 -9.14 0.49 17.30
N PHE A 349 -9.87 -0.41 17.94
CA PHE A 349 -10.98 -1.07 17.27
C PHE A 349 -12.05 -0.07 16.80
N LEU A 350 -12.48 0.82 17.68
CA LEU A 350 -13.48 1.82 17.29
C LEU A 350 -12.99 2.67 16.10
N LEU A 351 -11.72 3.05 16.13
CA LEU A 351 -11.13 3.85 15.05
C LEU A 351 -10.90 3.06 13.74
N ARG A 352 -10.41 1.84 13.85
CA ARG A 352 -10.16 1.00 12.68
C ARG A 352 -11.47 0.58 12.00
N GLU A 353 -12.47 0.17 12.80
CA GLU A 353 -13.69 -0.43 12.25
C GLU A 353 -14.67 0.56 11.62
N SER A 354 -14.64 1.82 12.07
CA SER A 354 -15.67 2.78 11.66
C SER A 354 -15.17 3.80 10.64
N GLY A 355 -15.78 3.78 9.46
CA GLY A 355 -15.50 4.78 8.42
C GLY A 355 -16.48 5.95 8.49
N PHE A 356 -16.57 6.71 7.41
CA PHE A 356 -17.46 7.87 7.37
C PHE A 356 -18.92 7.51 7.06
N SER A 357 -19.13 6.63 6.08
CA SER A 357 -20.47 6.07 5.80
C SER A 357 -20.91 5.16 6.96
N ASP A 358 -19.92 4.55 7.62
CA ASP A 358 -20.11 3.72 8.82
C ASP A 358 -21.00 2.49 8.56
N ASP A 359 -20.37 1.47 8.01
CA ASP A 359 -20.99 0.17 7.78
C ASP A 359 -20.37 -0.84 8.75
N GLY A 360 -20.14 -0.41 9.99
CA GLY A 360 -19.26 -1.15 10.91
C GLY A 360 -19.86 -2.35 11.61
N ASP A 361 -19.04 -3.39 11.75
CA ASP A 361 -19.39 -4.61 12.48
C ASP A 361 -18.68 -4.59 13.84
N TYR A 362 -19.44 -4.34 14.92
CA TYR A 362 -18.86 -4.18 16.27
C TYR A 362 -19.08 -5.37 17.19
N SER A 363 -19.38 -6.52 16.59
CA SER A 363 -19.56 -7.75 17.34
C SER A 363 -18.29 -8.18 18.04
N ASP A 364 -18.45 -8.85 19.18
CA ASP A 364 -17.30 -9.44 19.87
C ASP A 364 -16.50 -10.40 18.99
N LYS A 365 -17.15 -10.99 17.98
CA LYS A 365 -16.42 -11.83 17.03
C LYS A 365 -15.40 -10.99 16.26
N ASN A 366 -15.87 -9.89 15.69
CA ASN A 366 -15.03 -9.00 14.90
C ASN A 366 -13.99 -8.29 15.76
N MET A 367 -14.35 -8.02 17.01
CA MET A 367 -13.48 -7.31 17.93
C MET A 367 -12.32 -8.23 18.27
N ILE A 368 -12.62 -9.49 18.53
CA ILE A 368 -11.60 -10.49 18.78
C ILE A 368 -10.75 -10.73 17.53
N ALA A 369 -11.39 -10.77 16.36
CA ALA A 369 -10.66 -10.95 15.10
C ALA A 369 -9.56 -9.92 14.96
N ARG A 370 -9.90 -8.64 15.07
CA ARG A 370 -8.94 -7.56 14.88
C ARG A 370 -7.89 -7.46 15.98
N LEU A 371 -8.29 -7.67 17.24
CA LEU A 371 -7.32 -7.76 18.33
C LEU A 371 -6.33 -8.91 18.07
N ASN A 372 -6.83 -10.13 17.90
CA ASN A 372 -5.97 -11.29 17.66
C ASN A 372 -5.16 -11.13 16.36
N GLY A 373 -5.83 -10.72 15.30
CA GLY A 373 -5.21 -10.64 13.98
C GLY A 373 -4.21 -9.52 13.86
N GLU A 374 -4.67 -8.28 14.04
CA GLU A 374 -3.85 -7.09 13.79
C GLU A 374 -2.93 -6.72 14.95
N LEU A 375 -3.49 -6.50 16.13
CA LEU A 375 -2.69 -6.06 17.29
C LEU A 375 -1.72 -7.12 17.80
N ALA A 376 -2.15 -8.37 17.87
CA ALA A 376 -1.31 -9.44 18.42
C ALA A 376 -0.41 -10.04 17.34
N ASP A 377 -1.00 -10.56 16.27
CA ASP A 377 -0.25 -11.31 15.25
C ASP A 377 0.59 -10.46 14.32
N THR A 378 0.19 -9.21 14.09
CA THR A 378 0.95 -8.37 13.18
C THR A 378 1.90 -7.48 13.96
N LEU A 379 1.38 -6.70 14.91
CA LEU A 379 2.20 -5.72 15.63
C LEU A 379 2.90 -6.38 16.80
N GLY A 380 2.13 -6.97 17.70
CA GLY A 380 2.68 -7.67 18.86
C GLY A 380 3.76 -8.66 18.49
N ASN A 381 3.44 -9.54 17.54
CA ASN A 381 4.39 -10.51 17.01
C ASN A 381 5.72 -9.88 16.60
N LEU A 382 5.62 -8.80 15.84
CA LEU A 382 6.78 -8.16 15.27
C LEU A 382 7.70 -7.62 16.35
N VAL A 383 7.12 -7.08 17.41
CA VAL A 383 7.89 -6.46 18.49
C VAL A 383 8.67 -7.51 19.29
N MET A 384 8.05 -8.66 19.51
CA MET A 384 8.70 -9.75 20.24
C MET A 384 9.81 -10.39 19.40
N ARG A 385 9.55 -10.62 18.11
CA ARG A 385 10.60 -11.13 17.21
C ARG A 385 11.87 -10.28 17.28
N CYS A 386 11.74 -8.97 17.05
CA CYS A 386 12.94 -8.12 16.95
C CYS A 386 13.59 -7.75 18.29
N THR A 387 12.93 -8.11 19.40
CA THR A 387 13.52 -7.97 20.76
C THR A 387 13.86 -9.29 21.46
N SER A 388 13.56 -10.44 20.84
CA SER A 388 13.84 -11.75 21.42
C SER A 388 15.34 -12.02 21.67
N ALA A 389 15.66 -12.51 22.87
CA ALA A 389 17.01 -13.01 23.20
C ALA A 389 17.50 -14.04 22.16
N LYS A 390 16.58 -14.81 21.60
CA LYS A 390 16.92 -15.80 20.57
C LYS A 390 17.45 -15.12 19.32
N ILE A 391 16.74 -14.10 18.84
CA ILE A 391 17.11 -13.44 17.59
C ILE A 391 18.09 -12.30 17.83
N ASN A 392 17.74 -11.42 18.76
CA ASN A 392 18.58 -10.26 19.10
C ASN A 392 19.46 -10.61 20.31
N VAL A 393 20.54 -11.37 20.05
CA VAL A 393 21.36 -11.93 21.13
C VAL A 393 22.06 -10.88 21.98
N ASN A 394 22.47 -9.77 21.37
CA ASN A 394 23.11 -8.68 22.10
C ASN A 394 22.14 -7.66 22.70
N GLY A 395 20.84 -7.90 22.54
CA GLY A 395 19.82 -6.99 23.06
C GLY A 395 20.16 -5.54 22.79
N GLU A 396 20.44 -5.24 21.54
CA GLU A 396 20.77 -3.88 21.13
C GLU A 396 20.34 -3.66 19.69
N TRP A 397 20.43 -2.42 19.26
CA TRP A 397 20.25 -2.05 17.88
C TRP A 397 21.54 -2.31 17.16
N PRO A 398 21.56 -3.33 16.28
CA PRO A 398 22.81 -3.55 15.58
C PRO A 398 23.05 -2.50 14.51
N SER A 399 24.28 -2.49 14.00
CA SER A 399 24.68 -1.64 12.92
C SER A 399 24.49 -2.41 11.62
N PRO A 400 23.75 -1.83 10.64
CA PRO A 400 23.43 -2.58 9.42
C PRO A 400 24.60 -2.70 8.44
N ALA A 401 24.71 -3.86 7.79
CA ALA A 401 25.64 -4.08 6.66
C ALA A 401 25.05 -3.47 5.38
N ALA A 402 25.48 -3.96 4.22
CA ALA A 402 24.96 -3.46 2.95
C ALA A 402 23.50 -3.86 2.75
N TYR A 403 22.75 -3.03 2.03
CA TYR A 403 21.33 -3.27 1.79
C TYR A 403 21.10 -3.95 0.45
N THR A 404 20.39 -5.06 0.45
CA THR A 404 19.89 -5.67 -0.79
C THR A 404 18.72 -4.84 -1.35
N GLU A 405 18.35 -5.09 -2.60
CA GLU A 405 17.14 -4.48 -3.18
C GLU A 405 15.88 -4.80 -2.35
N GLU A 406 15.76 -6.03 -1.86
CA GLU A 406 14.64 -6.38 -1.02
C GLU A 406 14.62 -5.49 0.24
N ASP A 407 15.76 -5.42 0.92
CA ASP A 407 15.91 -4.54 2.08
C ASP A 407 15.42 -3.17 1.71
N GLU A 408 15.95 -2.65 0.61
CA GLU A 408 15.64 -1.30 0.20
C GLU A 408 14.19 -1.08 -0.19
N SER A 409 13.51 -2.11 -0.66
CA SER A 409 12.08 -2.00 -0.96
C SER A 409 11.29 -1.71 0.32
N LEU A 410 11.65 -2.41 1.39
CA LEU A 410 10.97 -2.26 2.68
C LEU A 410 11.33 -0.93 3.32
N ILE A 411 12.61 -0.56 3.28
CA ILE A 411 13.08 0.73 3.77
C ILE A 411 12.29 1.88 3.13
N GLN A 412 12.06 1.80 1.82
CA GLN A 412 11.33 2.84 1.12
C GLN A 412 9.92 2.98 1.67
N LEU A 413 9.24 1.85 1.91
CA LEU A 413 7.88 1.89 2.45
C LEU A 413 7.86 2.62 3.79
N ILE A 414 8.82 2.26 4.63
CA ILE A 414 8.97 2.85 5.94
C ILE A 414 9.26 4.33 5.80
N LYS A 415 10.16 4.69 4.90
CA LYS A 415 10.44 6.12 4.66
C LYS A 415 9.21 6.90 4.21
N ASP A 416 8.41 6.31 3.32
CA ASP A 416 7.23 6.98 2.81
C ASP A 416 6.05 7.01 3.81
N LEU A 417 6.06 6.13 4.79
CA LEU A 417 4.91 6.02 5.69
C LEU A 417 4.50 7.34 6.38
N PRO A 418 5.47 8.04 6.98
CA PRO A 418 5.13 9.25 7.73
C PRO A 418 4.44 10.33 6.87
N GLY A 419 4.90 10.54 5.65
CA GLY A 419 4.22 11.46 4.74
C GLY A 419 2.77 11.07 4.47
N THR A 420 2.55 9.77 4.30
CA THR A 420 1.23 9.25 3.96
C THR A 420 0.28 9.29 5.16
N ALA A 421 0.76 8.76 6.29
CA ALA A 421 0.00 8.83 7.53
C ALA A 421 -0.29 10.29 7.88
N ASP A 422 0.69 11.17 7.69
CA ASP A 422 0.46 12.60 7.96
C ASP A 422 -0.73 13.15 7.20
N HIS A 423 -0.79 12.88 5.91
CA HIS A 423 -1.89 13.38 5.08
C HIS A 423 -3.23 12.88 5.54
N TYR A 424 -3.29 11.60 5.91
CA TYR A 424 -4.52 10.99 6.39
C TYR A 424 -5.00 11.67 7.67
N TYR A 425 -4.12 11.80 8.66
CA TYR A 425 -4.45 12.49 9.90
C TYR A 425 -4.90 13.94 9.66
N LEU A 426 -4.39 14.57 8.61
CA LEU A 426 -4.78 15.95 8.33
C LEU A 426 -6.14 16.06 7.68
N ILE A 427 -6.62 14.98 7.04
CA ILE A 427 -7.91 15.03 6.34
C ILE A 427 -9.05 15.59 7.23
N PRO A 428 -9.28 15.00 8.41
CA PRO A 428 -8.67 13.83 9.04
C PRO A 428 -9.44 12.58 8.79
N ASP A 429 -8.73 11.50 8.48
CA ASP A 429 -9.33 10.19 8.33
C ASP A 429 -8.44 9.21 9.08
N ILE A 430 -8.69 9.12 10.37
CA ILE A 430 -7.92 8.24 11.24
C ILE A 430 -8.00 6.77 10.81
N GLN A 431 -9.12 6.33 10.25
CA GLN A 431 -9.18 4.94 9.77
C GLN A 431 -8.13 4.71 8.68
N LYS A 432 -8.04 5.63 7.74
CA LYS A 432 -7.13 5.47 6.62
C LYS A 432 -5.67 5.47 7.10
N ALA A 433 -5.35 6.35 8.04
CA ALA A 433 -4.02 6.40 8.63
C ALA A 433 -3.63 5.06 9.31
N ILE A 434 -4.59 4.45 10.01
CA ILE A 434 -4.31 3.15 10.62
C ILE A 434 -4.06 2.08 9.56
N ILE A 435 -4.87 2.11 8.50
CA ILE A 435 -4.74 1.10 7.47
C ILE A 435 -3.36 1.28 6.85
N ALA A 436 -2.94 2.52 6.64
CA ALA A 436 -1.65 2.79 5.98
C ALA A 436 -0.47 2.28 6.81
N VAL A 437 -0.53 2.46 8.12
CA VAL A 437 0.55 1.99 8.99
C VAL A 437 0.57 0.46 9.03
N PHE A 438 -0.58 -0.17 9.21
CA PHE A 438 -0.62 -1.62 9.24
C PHE A 438 -0.23 -2.26 7.90
N ASP A 439 -0.46 -1.55 6.79
CA ASP A 439 0.01 -2.03 5.50
C ASP A 439 1.51 -2.20 5.55
N VAL A 440 2.19 -1.27 6.23
CA VAL A 440 3.64 -1.34 6.33
C VAL A 440 4.03 -2.44 7.33
N LEU A 441 3.23 -2.60 8.37
CA LEU A 441 3.50 -3.63 9.36
C LEU A 441 3.43 -5.02 8.73
N ARG A 442 2.45 -5.21 7.85
CA ARG A 442 2.29 -6.45 7.14
C ARG A 442 3.54 -6.74 6.29
N ALA A 443 3.98 -5.73 5.55
CA ALA A 443 5.21 -5.83 4.75
C ALA A 443 6.40 -6.24 5.61
N ILE A 444 6.55 -5.61 6.77
CA ILE A 444 7.67 -5.94 7.66
C ILE A 444 7.62 -7.43 8.04
N ASN A 445 6.46 -7.94 8.43
CA ASN A 445 6.31 -9.36 8.76
C ASN A 445 6.71 -10.27 7.60
N ALA A 446 6.29 -9.87 6.39
CA ALA A 446 6.57 -10.62 5.17
C ALA A 446 8.09 -10.67 4.97
N TYR A 447 8.70 -9.49 5.06
CA TYR A 447 10.14 -9.37 4.99
C TYR A 447 10.79 -10.32 5.98
N VAL A 448 10.30 -10.35 7.22
CA VAL A 448 10.92 -11.12 8.29
C VAL A 448 10.79 -12.64 8.05
N THR A 449 9.63 -13.06 7.55
CA THR A 449 9.45 -14.45 7.12
C THR A 449 10.42 -14.85 6.00
N ASP A 450 10.54 -14.02 4.98
CA ASP A 450 11.49 -14.25 3.90
C ASP A 450 12.91 -14.44 4.40
N MET A 451 13.31 -13.58 5.33
CA MET A 451 14.68 -13.52 5.81
C MET A 451 14.98 -14.51 6.93
N ALA A 452 13.94 -14.99 7.61
CA ALA A 452 14.14 -16.05 8.61
C ALA A 452 15.36 -15.77 9.50
N PRO A 453 15.37 -14.61 10.17
CA PRO A 453 16.45 -14.20 11.08
C PRO A 453 16.81 -15.24 12.14
N TRP A 454 15.83 -16.02 12.59
CA TRP A 454 16.12 -17.14 13.49
C TRP A 454 17.13 -18.11 12.93
N LYS A 455 17.12 -18.34 11.62
CA LYS A 455 18.17 -19.15 10.99
C LYS A 455 19.48 -18.36 10.84
N LEU A 456 19.38 -17.06 10.53
CA LEU A 456 20.55 -16.23 10.26
C LEU A 456 21.47 -16.05 11.45
N VAL A 457 20.91 -16.10 12.67
CA VAL A 457 21.71 -15.98 13.91
C VAL A 457 22.96 -16.83 13.86
N LYS A 458 22.84 -17.98 13.20
CA LYS A 458 23.93 -18.95 13.07
C LYS A 458 24.55 -18.89 11.66
N THR A 459 23.74 -19.14 10.63
CA THR A 459 24.19 -19.07 9.22
C THR A 459 25.07 -17.86 8.91
N ASP A 460 24.54 -16.66 9.22
CA ASP A 460 25.10 -15.41 8.72
C ASP A 460 24.85 -14.26 9.69
N PRO A 461 25.75 -14.08 10.67
CA PRO A 461 25.49 -13.04 11.65
C PRO A 461 25.55 -11.64 11.05
N GLU A 462 26.35 -11.46 10.02
CA GLU A 462 26.48 -10.16 9.38
C GLU A 462 25.19 -9.78 8.67
N ARG A 463 24.51 -10.76 8.08
CA ARG A 463 23.21 -10.55 7.46
C ARG A 463 22.13 -10.21 8.49
N LEU A 464 22.14 -10.90 9.62
CA LEU A 464 21.17 -10.68 10.68
C LEU A 464 21.18 -9.24 11.18
N ARG A 465 22.33 -8.59 11.15
CA ARG A 465 22.45 -7.22 11.60
C ARG A 465 21.59 -6.30 10.74
N THR A 466 21.74 -6.41 9.43
CA THR A 466 20.98 -5.56 8.50
C THR A 466 19.47 -5.81 8.66
N VAL A 467 19.09 -7.09 8.76
CA VAL A 467 17.68 -7.45 8.84
C VAL A 467 17.08 -7.04 10.17
N LEU A 468 17.83 -7.25 11.24
CA LEU A 468 17.35 -6.88 12.56
C LEU A 468 17.20 -5.37 12.67
N TYR A 469 18.17 -4.63 12.16
CA TYR A 469 18.11 -3.18 12.20
C TYR A 469 16.87 -2.60 11.50
N ILE A 470 16.59 -3.07 10.28
CA ILE A 470 15.45 -2.57 9.51
C ILE A 470 14.14 -2.89 10.21
N THR A 471 14.05 -4.10 10.77
CA THR A 471 12.87 -4.54 11.50
C THR A 471 12.61 -3.63 12.68
N LEU A 472 13.65 -3.44 13.48
CA LEU A 472 13.55 -2.55 14.65
C LEU A 472 13.12 -1.14 14.24
N GLU A 473 13.73 -0.59 13.20
CA GLU A 473 13.42 0.78 12.78
C GLU A 473 12.04 0.87 12.16
N GLY A 474 11.63 -0.16 11.43
CA GLY A 474 10.27 -0.21 10.92
C GLY A 474 9.27 -0.22 12.08
N VAL A 475 9.47 -1.13 13.02
CA VAL A 475 8.60 -1.21 14.19
C VAL A 475 8.58 0.11 14.97
N ARG A 476 9.72 0.76 15.12
CA ARG A 476 9.75 2.05 15.82
C ARG A 476 8.86 3.08 15.17
N VAL A 477 9.04 3.27 13.86
CA VAL A 477 8.40 4.36 13.12
C VAL A 477 6.89 4.09 13.04
N THR A 478 6.52 2.84 12.78
CA THR A 478 5.09 2.47 12.73
C THR A 478 4.44 2.73 14.08
N THR A 479 5.15 2.40 15.17
CA THR A 479 4.67 2.68 16.52
C THR A 479 4.55 4.20 16.82
N LEU A 480 5.51 5.00 16.38
CA LEU A 480 5.38 6.47 16.53
C LEU A 480 4.09 6.97 15.89
N LEU A 481 3.83 6.53 14.67
CA LEU A 481 2.62 6.95 13.98
C LEU A 481 1.33 6.34 14.55
N LEU A 482 1.42 5.18 15.19
CA LEU A 482 0.29 4.59 15.91
C LEU A 482 0.12 5.13 17.35
N SER A 483 1.03 5.99 17.80
CA SER A 483 1.02 6.43 19.20
C SER A 483 -0.19 7.31 19.58
N PRO A 484 -0.79 8.03 18.62
CA PRO A 484 -2.03 8.72 19.02
C PRO A 484 -3.22 7.77 19.20
N ILE A 485 -3.09 6.54 18.72
CA ILE A 485 -4.15 5.56 18.77
C ILE A 485 -3.92 4.54 19.90
N LEU A 486 -2.66 4.20 20.14
CA LEU A 486 -2.33 3.26 21.20
C LEU A 486 -1.34 3.96 22.14
N PRO A 487 -1.80 4.97 22.88
CA PRO A 487 -0.88 5.79 23.68
C PRO A 487 -0.13 5.03 24.79
N ARG A 488 -0.82 4.15 25.51
CA ARG A 488 -0.16 3.36 26.56
C ARG A 488 0.75 2.26 26.00
N LYS A 489 0.30 1.57 24.95
CA LYS A 489 1.08 0.46 24.40
C LYS A 489 2.29 0.97 23.66
N SER A 490 2.16 2.13 23.00
CA SER A 490 3.27 2.73 22.28
C SER A 490 4.39 3.03 23.25
N VAL A 491 4.05 3.54 24.43
CA VAL A 491 5.05 3.69 25.49
C VAL A 491 5.71 2.35 25.82
N VAL A 492 4.94 1.28 26.02
CA VAL A 492 5.55 -0.03 26.28
C VAL A 492 6.45 -0.46 25.13
N ILE A 493 5.99 -0.26 23.90
CA ILE A 493 6.78 -0.69 22.74
C ILE A 493 8.13 0.03 22.78
N PHE A 494 8.07 1.35 22.91
CA PHE A 494 9.29 2.13 22.89
C PHE A 494 10.21 1.73 24.03
N ASP A 495 9.64 1.44 25.21
CA ASP A 495 10.44 0.92 26.33
C ASP A 495 11.15 -0.38 25.98
N MET A 496 10.45 -1.32 25.36
CA MET A 496 11.05 -2.59 24.95
C MET A 496 12.17 -2.35 23.94
N LEU A 497 11.90 -1.52 22.93
CA LEU A 497 12.95 -1.14 21.95
C LEU A 497 14.05 -0.29 22.59
N GLY A 498 13.80 0.23 23.78
CA GLY A 498 14.77 1.04 24.46
C GLY A 498 15.00 2.37 23.76
N VAL A 499 13.96 2.90 23.13
CA VAL A 499 14.04 4.20 22.47
C VAL A 499 14.11 5.32 23.52
N PRO A 500 15.16 6.15 23.47
CA PRO A 500 15.18 7.37 24.31
C PRO A 500 13.92 8.23 24.17
N GLU A 501 13.49 8.84 25.28
CA GLU A 501 12.31 9.73 25.33
C GLU A 501 12.29 10.83 24.26
N VAL A 502 13.44 11.46 24.05
CA VAL A 502 13.56 12.53 23.06
C VAL A 502 13.16 12.09 21.66
N HIS A 503 13.36 10.81 21.34
CA HIS A 503 13.06 10.28 20.03
C HIS A 503 11.64 9.79 19.90
N ARG A 504 10.79 10.04 20.91
CA ARG A 504 9.41 9.52 20.90
C ARG A 504 8.40 10.54 20.42
N LYS A 505 8.87 11.72 20.03
CA LYS A 505 8.02 12.71 19.40
C LYS A 505 8.88 13.57 18.51
N GLY A 506 8.26 14.45 17.74
CA GLY A 506 8.98 15.34 16.85
C GLY A 506 9.00 14.78 15.44
N ILE A 507 8.85 15.68 14.46
CA ILE A 507 8.90 15.29 13.04
C ILE A 507 10.30 14.80 12.68
N GLU A 508 11.29 15.24 13.46
CA GLU A 508 12.67 14.79 13.30
C GLU A 508 12.73 13.28 13.42
N ASN A 509 11.90 12.70 14.26
CA ASN A 509 11.97 11.28 14.53
C ASN A 509 11.03 10.46 13.65
N PHE A 510 10.41 11.13 12.67
CA PHE A 510 9.74 10.45 11.56
C PHE A 510 10.76 9.91 10.56
N GLU A 511 12.00 10.39 10.63
CA GLU A 511 13.02 10.01 9.67
C GLU A 511 13.63 8.67 9.99
N PHE A 512 13.80 7.87 8.95
CA PHE A 512 14.43 6.55 9.05
C PHE A 512 15.85 6.73 9.53
N GLY A 513 16.19 6.03 10.60
CA GLY A 513 17.56 6.02 11.13
C GLY A 513 17.83 6.88 12.35
N ALA A 514 16.78 7.48 12.93
CA ALA A 514 16.91 8.52 13.95
C ALA A 514 17.39 8.00 15.31
N VAL A 515 17.19 6.70 15.57
CA VAL A 515 17.73 6.03 16.74
C VAL A 515 19.00 5.28 16.31
N PRO A 516 20.16 5.69 16.83
CA PRO A 516 21.40 5.15 16.33
C PRO A 516 21.67 3.71 16.77
N PRO A 517 22.43 2.94 15.95
CA PRO A 517 22.89 1.62 16.38
C PRO A 517 23.70 1.73 17.66
N GLY A 518 23.67 0.67 18.46
CA GLY A 518 24.27 0.68 19.78
C GLY A 518 23.30 0.95 20.92
N THR A 519 22.17 1.59 20.60
CA THR A 519 21.07 1.77 21.57
C THR A 519 20.69 0.41 22.19
N ARG A 520 20.55 0.39 23.52
CA ARG A 520 20.32 -0.86 24.25
C ARG A 520 18.80 -1.07 24.39
N LEU A 521 18.34 -2.31 24.18
CA LEU A 521 16.92 -2.65 24.36
C LEU A 521 16.54 -2.60 25.83
N GLY A 522 15.28 -2.25 26.11
CA GLY A 522 14.79 -2.25 27.49
C GLY A 522 14.81 -3.65 28.07
N PRO A 523 14.80 -3.77 29.41
CA PRO A 523 14.88 -5.08 30.04
C PRO A 523 13.57 -5.84 29.91
N ALA A 524 13.66 -7.15 29.73
CA ALA A 524 12.48 -8.01 29.58
C ALA A 524 11.92 -8.35 30.95
N VAL A 525 10.69 -8.88 30.97
CA VAL A 525 10.12 -9.50 32.19
C VAL A 525 9.54 -10.88 31.85
N GLU A 526 9.58 -11.80 32.83
CA GLU A 526 9.16 -13.20 32.63
C GLU A 526 7.70 -13.37 32.19
N GLY A 527 6.84 -12.46 32.63
CA GLY A 527 5.39 -12.58 32.45
C GLY A 527 4.79 -11.78 31.31
N GLU A 528 5.47 -10.72 30.89
CA GLU A 528 4.86 -9.74 29.98
C GLU A 528 4.55 -10.27 28.56
N VAL A 529 3.37 -9.88 28.06
CA VAL A 529 3.03 -9.99 26.64
C VAL A 529 2.28 -8.69 26.28
N LEU A 530 2.55 -8.16 25.09
CA LEU A 530 2.07 -6.82 24.71
C LEU A 530 0.56 -6.82 24.38
N PHE A 531 0.11 -7.79 23.58
CA PHE A 531 -1.32 -8.05 23.38
C PHE A 531 -1.58 -9.54 23.52
N SER A 532 -2.46 -9.91 24.44
CA SER A 532 -2.77 -11.32 24.68
C SER A 532 -3.98 -11.73 23.86
N LYS A 533 -3.85 -12.84 23.13
CA LYS A 533 -4.91 -13.34 22.28
C LYS A 533 -6.10 -13.76 23.15
N ARG A 534 -7.30 -13.34 22.75
CA ARG A 534 -8.53 -13.62 23.51
CA ARG A 534 -8.51 -13.64 23.53
C ARG A 534 -9.14 -14.95 23.09
N SER A 535 -9.86 -15.58 24.02
CA SER A 535 -10.52 -16.86 23.80
C SER A 535 -11.14 -16.96 22.40
N THR A 536 -10.76 -18.01 21.67
CA THR A 536 -11.21 -18.26 20.29
C THR A 536 -12.71 -18.60 20.24
N GLU A 537 -13.53 -17.57 19.96
CA GLU A 537 -14.97 -17.75 19.73
C GLU A 537 -15.54 -16.64 18.83
N GLY B 1 9.25 9.00 -2.54
CA GLY B 1 10.72 9.15 -2.73
C GLY B 1 11.29 8.58 -4.03
N PRO B 2 12.52 8.99 -4.42
CA PRO B 2 13.12 8.52 -5.66
C PRO B 2 13.47 7.04 -5.67
N GLY B 3 13.37 6.45 -6.85
CA GLY B 3 13.89 5.11 -7.08
C GLY B 3 15.34 5.18 -7.55
N SER B 4 15.93 4.02 -7.81
CA SER B 4 17.32 3.94 -8.26
C SER B 4 17.52 4.71 -9.58
N MET B 5 18.74 5.19 -9.80
CA MET B 5 19.05 5.86 -11.06
C MET B 5 19.33 4.83 -12.12
N LYS B 6 19.44 5.29 -13.36
CA LYS B 6 19.70 4.39 -14.47
C LYS B 6 21.09 3.78 -14.30
N VAL B 7 21.25 2.51 -14.66
CA VAL B 7 22.58 1.90 -14.72
C VAL B 7 23.35 2.52 -15.87
N GLU B 8 24.67 2.58 -15.75
CA GLU B 8 25.57 3.09 -16.79
C GLU B 8 25.69 2.09 -17.98
N LYS B 9 25.89 0.82 -17.66
CA LYS B 9 26.03 -0.23 -18.67
C LYS B 9 24.73 -0.48 -19.44
N VAL B 10 24.79 -1.36 -20.44
CA VAL B 10 23.60 -1.77 -21.14
C VAL B 10 23.01 -2.89 -20.32
N PHE B 11 21.76 -2.71 -19.91
CA PHE B 11 21.11 -3.64 -19.01
C PHE B 11 20.86 -4.94 -19.77
N PHE B 12 21.39 -6.02 -19.22
CA PHE B 12 21.45 -7.31 -19.89
C PHE B 12 20.62 -8.31 -19.08
N VAL B 13 19.53 -8.78 -19.68
CA VAL B 13 18.65 -9.72 -19.01
C VAL B 13 18.43 -10.92 -19.90
N THR B 14 18.46 -12.12 -19.31
CA THR B 14 18.43 -13.34 -20.10
C THR B 14 17.28 -14.25 -19.69
N SER B 15 16.85 -15.07 -20.63
CA SER B 15 16.05 -16.24 -20.35
C SER B 15 16.99 -17.42 -20.48
N PRO B 16 16.59 -18.59 -19.98
CA PRO B 16 17.41 -19.74 -20.30
C PRO B 16 17.23 -20.07 -21.77
N ILE B 17 18.23 -20.69 -22.38
CA ILE B 17 18.08 -21.26 -23.70
C ILE B 17 17.45 -22.67 -23.54
N TYR B 18 16.52 -23.00 -24.42
CA TYR B 18 15.60 -24.12 -24.24
C TYR B 18 15.93 -25.28 -25.15
N TYR B 19 15.67 -26.50 -24.68
CA TYR B 19 16.05 -27.70 -25.43
C TYR B 19 15.07 -28.03 -26.57
N VAL B 20 15.64 -28.27 -27.75
CA VAL B 20 14.86 -28.44 -28.99
C VAL B 20 14.37 -29.86 -29.25
N ASN B 21 14.26 -30.68 -28.21
CA ASN B 21 13.66 -32.01 -28.35
C ASN B 21 12.18 -32.04 -27.96
N ALA B 22 11.62 -30.85 -27.67
CA ALA B 22 10.21 -30.68 -27.37
C ALA B 22 9.73 -29.38 -28.02
N ALA B 23 8.45 -29.32 -28.36
CA ALA B 23 7.86 -28.11 -28.91
C ALA B 23 7.70 -27.07 -27.79
N PRO B 24 7.66 -25.79 -28.17
CA PRO B 24 7.42 -24.73 -27.19
C PRO B 24 6.17 -24.98 -26.34
N HIS B 25 6.25 -24.67 -25.06
CA HIS B 25 5.11 -24.82 -24.16
C HIS B 25 5.12 -23.77 -23.07
N ILE B 26 4.01 -23.66 -22.35
CA ILE B 26 3.83 -22.64 -21.30
C ILE B 26 5.07 -22.39 -20.43
N GLY B 27 5.82 -23.44 -20.09
CA GLY B 27 7.06 -23.29 -19.33
C GLY B 27 8.08 -22.35 -19.95
N HIS B 28 8.38 -22.56 -21.23
CA HIS B 28 9.31 -21.68 -21.96
C HIS B 28 8.71 -20.30 -22.09
N VAL B 29 7.41 -20.26 -22.37
CA VAL B 29 6.67 -19.03 -22.55
C VAL B 29 6.75 -18.17 -21.29
N TYR B 30 6.66 -18.83 -20.14
CA TYR B 30 6.66 -18.14 -18.84
C TYR B 30 8.01 -17.52 -18.51
N SER B 31 9.05 -18.34 -18.56
CA SER B 31 10.41 -17.86 -18.34
C SER B 31 10.72 -16.66 -19.23
N THR B 32 10.45 -16.77 -20.52
CA THR B 32 10.73 -15.66 -21.44
C THR B 32 9.84 -14.43 -21.17
N LEU B 33 8.64 -14.66 -20.62
CA LEU B 33 7.71 -13.57 -20.30
C LEU B 33 8.32 -12.69 -19.21
N ILE B 34 8.87 -13.36 -18.19
CA ILE B 34 9.58 -12.66 -17.12
C ILE B 34 10.78 -11.86 -17.64
N THR B 35 11.53 -12.44 -18.57
CA THR B 35 12.70 -11.78 -19.17
C THR B 35 12.25 -10.52 -19.91
N ASP B 36 11.26 -10.70 -20.75
CA ASP B 36 10.73 -9.64 -21.56
C ASP B 36 10.23 -8.49 -20.68
N VAL B 37 9.56 -8.85 -19.60
CA VAL B 37 8.98 -7.85 -18.72
C VAL B 37 10.09 -7.03 -18.08
N ILE B 38 11.05 -7.72 -17.49
CA ILE B 38 12.22 -7.08 -16.89
C ILE B 38 12.88 -6.20 -17.95
N GLY B 39 12.96 -6.73 -19.16
CA GLY B 39 13.50 -5.98 -20.28
C GLY B 39 12.72 -4.71 -20.54
N ARG B 40 11.41 -4.85 -20.69
CA ARG B 40 10.57 -3.71 -21.02
C ARG B 40 10.61 -2.62 -19.94
N TYR B 41 10.66 -3.04 -18.65
CA TYR B 41 10.69 -2.05 -17.57
C TYR B 41 11.90 -1.17 -17.68
N HIS B 42 13.05 -1.81 -17.94
CA HIS B 42 14.28 -1.05 -17.98
C HIS B 42 14.36 -0.18 -19.21
N ARG B 43 13.64 -0.56 -20.28
CA ARG B 43 13.54 0.27 -21.46
C ARG B 43 12.66 1.49 -21.18
N VAL B 44 11.61 1.29 -20.38
CA VAL B 44 10.75 2.41 -19.97
C VAL B 44 11.46 3.34 -19.00
N LYS B 45 12.33 2.79 -18.15
CA LYS B 45 13.14 3.61 -17.26
C LYS B 45 14.04 4.57 -18.05
N GLY B 46 14.41 4.18 -19.27
CA GLY B 46 15.25 5.00 -20.16
C GLY B 46 16.67 4.46 -20.29
N GLU B 47 16.85 3.19 -19.95
CA GLU B 47 18.16 2.55 -20.01
C GLU B 47 18.33 1.84 -21.34
N ARG B 48 19.58 1.69 -21.78
CA ARG B 48 19.88 0.77 -22.86
C ARG B 48 19.70 -0.67 -22.36
N VAL B 49 19.08 -1.52 -23.20
CA VAL B 49 18.70 -2.87 -22.79
C VAL B 49 19.09 -3.92 -23.83
N PHE B 50 19.45 -5.11 -23.37
CA PHE B 50 19.70 -6.25 -24.25
C PHE B 50 19.12 -7.53 -23.63
N ALA B 51 17.98 -7.96 -24.17
CA ALA B 51 17.29 -9.14 -23.66
C ALA B 51 17.54 -10.27 -24.64
N LEU B 52 17.88 -11.43 -24.10
CA LEU B 52 18.37 -12.54 -24.88
C LEU B 52 17.63 -13.82 -24.48
N THR B 53 17.35 -14.65 -25.48
CA THR B 53 16.71 -15.96 -25.30
C THR B 53 17.23 -16.89 -26.40
N GLY B 54 16.73 -18.12 -26.46
CA GLY B 54 17.19 -19.03 -27.52
C GLY B 54 17.17 -20.50 -27.20
N THR B 55 17.93 -21.27 -27.99
CA THR B 55 17.82 -22.71 -27.99
C THR B 55 19.14 -23.43 -27.80
N ASP B 56 19.05 -24.48 -26.99
CA ASP B 56 20.15 -25.39 -26.65
C ASP B 56 19.97 -26.55 -27.62
N GLU B 57 20.87 -26.68 -28.59
CA GLU B 57 20.60 -27.51 -29.78
C GLU B 57 21.43 -28.81 -29.90
N HIS B 58 22.38 -29.04 -28.98
CA HIS B 58 23.27 -30.19 -29.07
C HIS B 58 22.89 -31.35 -28.17
N GLY B 59 23.43 -32.52 -28.46
CA GLY B 59 23.27 -33.67 -27.56
C GLY B 59 22.67 -34.92 -28.17
N GLN B 60 22.84 -36.01 -27.46
CA GLN B 60 22.38 -37.31 -27.90
C GLN B 60 20.87 -37.37 -28.21
N LYS B 61 20.07 -36.72 -27.38
CA LYS B 61 18.60 -36.75 -27.50
C LYS B 61 18.09 -35.99 -28.74
N VAL B 62 18.71 -34.85 -29.07
CA VAL B 62 18.33 -34.10 -30.27
C VAL B 62 18.73 -34.85 -31.53
N ALA B 63 19.89 -35.50 -31.51
CA ALA B 63 20.33 -36.34 -32.62
C ALA B 63 19.35 -37.47 -32.85
N GLU B 64 18.84 -38.04 -31.77
CA GLU B 64 17.88 -39.15 -31.90
C GLU B 64 16.52 -38.63 -32.37
N ALA B 65 16.08 -37.49 -31.85
CA ALA B 65 14.87 -36.83 -32.32
C ALA B 65 14.89 -36.60 -33.84
N ALA B 66 16.03 -36.13 -34.33
CA ALA B 66 16.23 -35.94 -35.76
C ALA B 66 16.14 -37.28 -36.51
N LYS B 67 16.78 -38.30 -35.93
CA LYS B 67 16.86 -39.63 -36.54
C LYS B 67 15.47 -40.24 -36.72
N GLN B 68 14.61 -40.16 -35.69
CA GLN B 68 13.26 -40.70 -35.79
C GLN B 68 12.47 -39.96 -36.88
N LYS B 69 12.62 -38.64 -36.94
CA LYS B 69 11.92 -37.84 -37.95
C LYS B 69 12.56 -38.03 -39.33
N GLN B 70 13.72 -38.69 -39.37
CA GLN B 70 14.41 -39.05 -40.61
C GLN B 70 14.91 -37.83 -41.36
N VAL B 71 15.28 -36.79 -40.61
CA VAL B 71 15.86 -35.58 -41.16
C VAL B 71 17.26 -35.40 -40.55
N SER B 72 18.07 -34.51 -41.11
CA SER B 72 19.39 -34.27 -40.53
C SER B 72 19.25 -33.49 -39.21
N PRO B 73 20.22 -33.65 -38.30
CA PRO B 73 20.14 -32.87 -37.06
C PRO B 73 20.13 -31.35 -37.27
N TYR B 74 20.78 -30.85 -38.31
CA TYR B 74 20.80 -29.40 -38.52
C TYR B 74 19.47 -28.88 -39.06
N ASP B 75 18.83 -29.65 -39.94
CA ASP B 75 17.47 -29.35 -40.38
C ASP B 75 16.50 -29.41 -39.21
N PHE B 76 16.63 -30.47 -38.42
CA PHE B 76 15.75 -30.72 -37.31
C PHE B 76 15.83 -29.58 -36.29
N THR B 77 17.05 -29.19 -35.91
CA THR B 77 17.22 -28.09 -34.97
C THR B 77 16.79 -26.76 -35.58
N THR B 78 17.14 -26.51 -36.84
CA THR B 78 16.70 -25.27 -37.50
C THR B 78 15.18 -25.17 -37.54
N ALA B 79 14.49 -26.28 -37.79
CA ALA B 79 13.03 -26.30 -37.77
C ALA B 79 12.48 -25.94 -36.37
N VAL B 80 12.93 -26.65 -35.33
CA VAL B 80 12.40 -26.42 -33.99
C VAL B 80 12.72 -25.02 -33.51
N ALA B 81 13.94 -24.55 -33.74
CA ALA B 81 14.26 -23.17 -33.35
C ALA B 81 13.25 -22.20 -33.99
N GLY B 82 12.80 -22.51 -35.21
CA GLY B 82 11.74 -21.77 -35.85
C GLY B 82 10.45 -21.75 -35.05
N GLU B 83 10.01 -22.93 -34.61
CA GLU B 83 8.83 -23.04 -33.75
C GLU B 83 8.91 -22.13 -32.54
N PHE B 84 10.10 -22.09 -31.91
CA PHE B 84 10.32 -21.22 -30.76
C PHE B 84 10.28 -19.74 -31.16
N LYS B 85 10.98 -19.38 -32.23
CA LYS B 85 10.97 -18.00 -32.71
C LYS B 85 9.53 -17.53 -32.97
N LYS B 86 8.73 -18.41 -33.58
CA LYS B 86 7.36 -18.07 -33.93
C LYS B 86 6.48 -17.92 -32.70
N CAS B 87 6.69 -18.78 -31.71
CA CAS B 87 5.94 -18.74 -30.47
CB CAS B 87 6.38 -19.91 -29.56
C CAS B 87 6.12 -17.43 -29.76
O CAS B 87 5.16 -16.84 -29.26
SG CAS B 87 5.59 -19.90 -28.00
AS CAS B 87 3.83 -21.18 -28.49
CE1 CAS B 87 3.07 -21.14 -30.34
CE2 CAS B 87 3.02 -22.37 -27.13
N PHE B 88 7.35 -16.94 -29.76
CA PHE B 88 7.68 -15.71 -29.07
C PHE B 88 7.22 -14.47 -29.84
N GLU B 89 7.06 -14.59 -31.16
CA GLU B 89 6.41 -13.53 -31.93
C GLU B 89 4.91 -13.51 -31.65
N GLN B 90 4.26 -14.68 -31.67
CA GLN B 90 2.82 -14.71 -31.41
CA GLN B 90 2.83 -14.81 -31.38
C GLN B 90 2.54 -14.21 -30.00
N MET B 91 3.45 -14.45 -29.07
CA MET B 91 3.33 -13.93 -27.71
C MET B 91 3.63 -12.44 -27.60
N ASP B 92 4.15 -11.82 -28.66
CA ASP B 92 4.38 -10.36 -28.69
C ASP B 92 5.41 -9.97 -27.64
N TYR B 93 6.59 -10.57 -27.72
CA TYR B 93 7.68 -10.23 -26.82
C TYR B 93 8.61 -9.27 -27.56
N SER B 94 9.50 -8.63 -26.82
CA SER B 94 10.48 -7.77 -27.42
C SER B 94 11.85 -8.21 -26.90
N ILE B 95 12.30 -9.32 -27.42
CA ILE B 95 13.62 -9.84 -27.12
C ILE B 95 14.56 -9.34 -28.19
N ASP B 96 15.75 -8.93 -27.78
CA ASP B 96 16.67 -8.31 -28.70
C ASP B 96 17.38 -9.35 -29.58
N TYR B 97 17.64 -10.54 -29.06
CA TYR B 97 18.31 -11.56 -29.85
C TYR B 97 17.93 -12.99 -29.44
N PHE B 98 17.85 -13.84 -30.47
CA PHE B 98 17.58 -15.24 -30.31
C PHE B 98 18.87 -15.99 -30.68
N ILE B 99 19.61 -16.40 -29.67
CA ILE B 99 20.88 -17.10 -29.88
C ILE B 99 20.61 -18.59 -30.08
N ARG B 100 21.42 -19.22 -30.92
CA ARG B 100 21.34 -20.67 -31.14
C ARG B 100 22.72 -21.30 -30.94
N THR B 101 22.77 -22.41 -30.22
CA THR B 101 24.06 -23.02 -29.87
C THR B 101 24.73 -23.72 -31.06
N THR B 102 24.02 -23.84 -32.17
CA THR B 102 24.62 -24.34 -33.41
C THR B 102 25.34 -23.22 -34.14
N ASN B 103 25.09 -21.98 -33.75
CA ASN B 103 25.74 -20.83 -34.36
C ASN B 103 27.25 -20.93 -34.18
N GLU B 104 28.01 -20.59 -35.24
CA GLU B 104 29.47 -20.69 -35.20
C GLU B 104 30.13 -19.69 -34.23
N GLN B 105 29.52 -18.51 -34.07
CA GLN B 105 30.07 -17.50 -33.17
C GLN B 105 30.05 -18.05 -31.76
N HIS B 106 28.98 -18.73 -31.41
CA HIS B 106 28.86 -19.34 -30.09
C HIS B 106 29.94 -20.37 -29.88
N LYS B 107 30.26 -21.13 -30.93
CA LYS B 107 31.32 -22.13 -30.85
C LYS B 107 32.68 -21.49 -30.66
N ALA B 108 32.93 -20.37 -31.32
CA ALA B 108 34.15 -19.59 -31.10
C ALA B 108 34.31 -19.27 -29.62
N VAL B 109 33.26 -18.69 -29.04
CA VAL B 109 33.32 -18.23 -27.66
C VAL B 109 33.50 -19.43 -26.73
N VAL B 110 32.79 -20.52 -27.00
CA VAL B 110 32.86 -21.73 -26.16
C VAL B 110 34.25 -22.30 -26.20
N LYS B 111 34.90 -22.25 -27.36
CA LYS B 111 36.27 -22.72 -27.51
C LYS B 111 37.23 -21.82 -26.74
N GLU B 112 37.02 -20.50 -26.84
CA GLU B 112 37.88 -19.54 -26.13
C GLU B 112 37.73 -19.68 -24.62
N LEU B 113 36.51 -19.80 -24.14
CA LEU B 113 36.29 -19.96 -22.71
C LEU B 113 36.91 -21.29 -22.26
N TRP B 114 36.70 -22.34 -23.06
CA TRP B 114 37.28 -23.63 -22.78
C TRP B 114 38.77 -23.53 -22.63
N THR B 115 39.42 -22.83 -23.56
CA THR B 115 40.87 -22.77 -23.59
C THR B 115 41.42 -22.00 -22.40
N LYS B 116 40.72 -20.94 -22.01
CA LYS B 116 41.15 -20.10 -20.91
C LYS B 116 41.13 -20.92 -19.62
N LEU B 117 40.06 -21.68 -19.41
CA LEU B 117 39.97 -22.57 -18.26
C LEU B 117 41.08 -23.63 -18.23
N GLU B 118 41.43 -24.14 -19.40
CA GLU B 118 42.51 -25.14 -19.57
C GLU B 118 43.87 -24.55 -19.24
N GLN B 119 44.14 -23.33 -19.69
CA GLN B 119 45.41 -22.67 -19.42
C GLN B 119 45.62 -22.33 -17.93
N LYS B 120 44.54 -22.07 -17.20
CA LYS B 120 44.61 -21.78 -15.76
C LYS B 120 44.75 -23.06 -14.93
N GLY B 121 44.74 -24.22 -15.58
CA GLY B 121 44.86 -25.49 -14.88
C GLY B 121 43.60 -25.88 -14.12
N ASP B 122 42.46 -25.27 -14.46
CA ASP B 122 41.19 -25.61 -13.84
C ASP B 122 40.39 -26.64 -14.64
N ILE B 123 40.80 -26.89 -15.89
CA ILE B 123 40.35 -28.10 -16.62
C ILE B 123 41.56 -29.01 -16.86
N TYR B 124 41.50 -30.25 -16.41
CA TYR B 124 42.57 -31.21 -16.66
C TYR B 124 42.04 -32.43 -17.39
N LEU B 125 42.93 -33.14 -18.08
CA LEU B 125 42.58 -34.37 -18.76
C LEU B 125 42.96 -35.56 -17.90
N GLY B 126 42.02 -36.47 -17.67
CA GLY B 126 42.29 -37.68 -16.88
C GLY B 126 41.57 -38.92 -17.37
N ARG B 127 42.06 -40.08 -16.96
CA ARG B 127 41.43 -41.36 -17.32
C ARG B 127 40.41 -41.74 -16.24
N TYR B 128 39.13 -41.76 -16.61
CA TYR B 128 38.11 -42.28 -15.72
C TYR B 128 38.10 -43.81 -15.81
N GLU B 129 38.07 -44.47 -14.67
CA GLU B 129 38.02 -45.93 -14.62
C GLU B 129 36.96 -46.33 -13.60
N GLY B 130 35.75 -46.63 -14.09
CA GLY B 130 34.64 -46.95 -13.20
C GLY B 130 33.40 -47.37 -13.96
N TRP B 131 32.26 -47.35 -13.25
CA TRP B 131 30.97 -47.69 -13.84
C TRP B 131 30.37 -46.49 -14.52
N TYR B 132 29.69 -46.75 -15.64
CA TYR B 132 29.09 -45.72 -16.48
C TYR B 132 27.77 -46.26 -16.99
N SER B 133 26.71 -45.52 -16.79
CA SER B 133 25.46 -45.82 -17.46
C SER B 133 25.56 -45.20 -18.86
N ILE B 134 25.45 -46.03 -19.89
CA ILE B 134 25.48 -45.54 -21.27
C ILE B 134 24.22 -44.71 -21.51
N SER B 135 23.10 -45.19 -20.97
CA SER B 135 21.79 -44.58 -21.16
C SER B 135 21.68 -43.20 -20.48
N ASP B 136 22.03 -43.13 -19.20
CA ASP B 136 21.88 -41.90 -18.42
C ASP B 136 22.95 -40.82 -18.67
N GLU B 137 24.03 -41.19 -19.38
CA GLU B 137 25.23 -40.35 -19.55
C GLU B 137 25.80 -39.87 -18.21
N SER B 138 25.82 -40.79 -17.24
CA SER B 138 26.27 -40.51 -15.87
C SER B 138 27.42 -41.44 -15.49
N PHE B 139 28.35 -40.93 -14.68
CA PHE B 139 29.43 -41.72 -14.11
C PHE B 139 28.97 -42.19 -12.72
N LEU B 140 28.71 -43.49 -12.58
CA LEU B 140 28.15 -44.05 -11.35
C LEU B 140 29.22 -44.69 -10.47
N THR B 141 29.03 -44.62 -9.15
CA THR B 141 29.98 -45.19 -8.18
C THR B 141 29.64 -46.67 -7.88
N PRO B 142 30.57 -47.42 -7.25
CA PRO B 142 30.32 -48.83 -6.90
C PRO B 142 29.21 -49.08 -5.85
N GLN B 143 28.80 -48.04 -5.12
CA GLN B 143 27.70 -48.16 -4.14
C GLN B 143 26.32 -47.88 -4.77
N ASN B 144 26.29 -47.55 -6.06
CA ASN B 144 25.03 -47.33 -6.79
C ASN B 144 24.61 -48.51 -7.68
N ILE B 145 25.41 -49.56 -7.73
CA ILE B 145 25.15 -50.70 -8.62
C ILE B 145 24.62 -51.93 -7.88
N THR B 146 23.91 -52.81 -8.59
CA THR B 146 23.39 -54.07 -8.03
C THR B 146 23.56 -55.21 -9.04
N ASP B 147 23.51 -56.44 -8.55
CA ASP B 147 23.60 -57.64 -9.39
C ASP B 147 22.25 -57.92 -10.03
N CYS B 156 23.00 -57.08 -16.99
CA CYS B 156 23.42 -57.79 -15.78
C CYS B 156 23.45 -56.82 -14.58
N LYS B 157 24.50 -55.99 -14.52
CA LYS B 157 24.63 -54.97 -13.47
C LYS B 157 23.78 -53.75 -13.82
N VAL B 158 22.97 -53.31 -12.86
CA VAL B 158 22.04 -52.21 -13.09
C VAL B 158 22.21 -51.11 -12.05
N SER B 159 21.85 -49.89 -12.44
CA SER B 159 21.94 -48.72 -11.56
C SER B 159 20.81 -48.71 -10.52
N LEU B 160 20.96 -47.88 -9.48
CA LEU B 160 19.98 -47.82 -8.39
C LEU B 160 18.92 -46.72 -8.60
N GLU B 161 19.32 -45.60 -9.20
CA GLU B 161 18.37 -44.49 -9.49
C GLU B 161 17.35 -44.92 -10.54
N SER B 162 17.85 -45.31 -11.71
CA SER B 162 17.02 -45.91 -12.76
C SER B 162 17.42 -47.38 -12.94
N GLY B 163 16.59 -48.16 -13.63
CA GLY B 163 16.87 -49.57 -13.87
C GLY B 163 17.95 -49.85 -14.90
N HIS B 164 18.30 -48.84 -15.70
CA HIS B 164 19.25 -48.99 -16.83
C HIS B 164 20.52 -49.71 -16.45
N VAL B 165 21.00 -50.58 -17.34
CA VAL B 165 22.27 -51.31 -17.14
C VAL B 165 23.47 -50.36 -17.14
N VAL B 166 24.58 -50.80 -16.56
CA VAL B 166 25.81 -50.01 -16.51
C VAL B 166 27.02 -50.83 -16.94
N THR B 167 27.86 -50.24 -17.79
CA THR B 167 29.09 -50.87 -18.28
C THR B 167 30.28 -50.41 -17.44
N TRP B 168 31.33 -51.24 -17.38
CA TRP B 168 32.62 -50.78 -16.86
C TRP B 168 33.36 -50.16 -18.01
N VAL B 169 33.88 -48.95 -17.81
CA VAL B 169 34.54 -48.17 -18.87
C VAL B 169 35.95 -47.73 -18.50
N SER B 170 36.73 -47.36 -19.51
CA SER B 170 38.06 -46.81 -19.28
C SER B 170 38.41 -45.84 -20.41
N GLU B 171 37.95 -44.60 -20.27
CA GLU B 171 38.15 -43.56 -21.27
C GLU B 171 38.65 -42.26 -20.65
N GLU B 172 39.38 -41.49 -21.44
CA GLU B 172 39.89 -40.16 -21.05
C GLU B 172 38.74 -39.17 -21.01
N ASN B 173 38.80 -38.22 -20.10
CA ASN B 173 37.68 -37.33 -19.87
C ASN B 173 38.15 -36.01 -19.26
N TYR B 174 37.65 -34.89 -19.77
CA TYR B 174 38.05 -33.58 -19.24
C TYR B 174 37.20 -33.22 -18.03
N MET B 175 37.85 -32.89 -16.92
CA MET B 175 37.18 -32.49 -15.69
C MET B 175 37.43 -31.01 -15.41
N PHE B 176 36.43 -30.35 -14.85
CA PHE B 176 36.60 -29.01 -14.30
C PHE B 176 36.68 -29.08 -12.77
N ARG B 177 37.71 -28.44 -12.22
CA ARG B 177 38.01 -28.52 -10.80
C ARG B 177 37.09 -27.66 -9.93
N LEU B 178 35.79 -27.92 -10.06
CA LEU B 178 34.76 -27.17 -9.35
C LEU B 178 35.06 -27.05 -7.85
N SER B 179 35.64 -28.10 -7.28
CA SER B 179 35.89 -28.15 -5.84
C SER B 179 36.85 -27.07 -5.34
N ALA B 180 37.67 -26.54 -6.23
CA ALA B 180 38.61 -25.48 -5.87
C ALA B 180 37.98 -24.10 -5.73
N PHE B 181 36.66 -23.99 -5.97
CA PHE B 181 35.97 -22.68 -5.95
C PHE B 181 34.93 -22.57 -4.85
N ARG B 182 34.78 -23.61 -4.06
CA ARG B 182 33.89 -23.59 -2.91
C ARG B 182 34.04 -22.33 -2.08
N GLU B 183 35.26 -22.05 -1.62
CA GLU B 183 35.48 -20.90 -0.74
C GLU B 183 35.15 -19.60 -1.49
N ARG B 184 35.68 -19.41 -2.69
CA ARG B 184 35.35 -18.20 -3.46
C ARG B 184 33.84 -18.07 -3.74
N LEU B 185 33.17 -19.16 -4.05
CA LEU B 185 31.71 -19.08 -4.24
C LEU B 185 31.03 -18.59 -2.97
N LEU B 186 31.33 -19.25 -1.84
CA LEU B 186 30.75 -18.88 -0.56
C LEU B 186 30.99 -17.39 -0.23
N GLU B 187 32.18 -16.88 -0.53
CA GLU B 187 32.49 -15.47 -0.32
C GLU B 187 31.56 -14.59 -1.14
N TRP B 188 31.32 -15.00 -2.38
CA TRP B 188 30.44 -14.27 -3.28
C TRP B 188 29.00 -14.26 -2.82
N TYR B 189 28.50 -15.39 -2.32
CA TYR B 189 27.11 -15.45 -1.84
C TYR B 189 26.91 -14.53 -0.61
N HIS B 190 27.93 -14.49 0.26
CA HIS B 190 27.86 -13.66 1.47
CA HIS B 190 27.94 -13.67 1.50
C HIS B 190 28.14 -12.19 1.25
N ALA B 191 28.95 -11.86 0.24
CA ALA B 191 29.29 -10.46 -0.06
C ALA B 191 28.16 -9.81 -0.84
N ASN B 192 27.41 -10.62 -1.58
CA ASN B 192 26.32 -10.15 -2.41
C ASN B 192 25.03 -10.88 -2.07
N PRO B 193 24.46 -10.60 -0.90
CA PRO B 193 23.32 -11.37 -0.38
C PRO B 193 22.02 -11.25 -1.18
N GLY B 194 21.98 -10.35 -2.16
CA GLY B 194 20.85 -10.26 -3.11
C GLY B 194 21.12 -10.89 -4.47
N CYS B 195 22.16 -11.68 -4.62
CA CYS B 195 22.50 -12.22 -5.92
C CYS B 195 21.66 -13.45 -6.33
N ILE B 196 20.98 -14.07 -5.38
CA ILE B 196 20.07 -15.17 -5.71
C ILE B 196 18.73 -14.88 -5.07
N VAL B 197 17.68 -14.91 -5.88
CA VAL B 197 16.33 -14.56 -5.46
C VAL B 197 15.39 -15.66 -5.92
N PRO B 198 14.44 -16.06 -5.08
CA PRO B 198 14.13 -15.56 -3.75
C PRO B 198 15.08 -16.10 -2.69
N GLU B 199 15.07 -15.42 -1.55
CA GLU B 199 16.00 -15.67 -0.45
C GLU B 199 16.08 -17.13 0.01
N PHE B 200 14.96 -17.85 0.04
CA PHE B 200 15.01 -19.24 0.52
C PHE B 200 15.82 -20.16 -0.42
N ARG B 201 15.89 -19.80 -1.69
CA ARG B 201 16.69 -20.56 -2.65
C ARG B 201 18.17 -20.20 -2.52
N ARG B 202 18.44 -18.94 -2.24
CA ARG B 202 19.78 -18.53 -1.96
C ARG B 202 20.35 -19.36 -0.81
N ARG B 203 19.59 -19.45 0.27
CA ARG B 203 19.94 -20.28 1.42
CA ARG B 203 19.99 -20.27 1.41
C ARG B 203 20.20 -21.73 1.00
N GLU B 204 19.36 -22.24 0.12
CA GLU B 204 19.52 -23.62 -0.38
C GLU B 204 20.84 -23.81 -1.11
N VAL B 205 21.21 -22.85 -1.96
CA VAL B 205 22.45 -22.93 -2.73
C VAL B 205 23.65 -22.92 -1.77
N ILE B 206 23.61 -22.02 -0.79
CA ILE B 206 24.67 -21.90 0.21
C ILE B 206 24.82 -23.22 1.01
N ARG B 207 23.71 -23.75 1.53
CA ARG B 207 23.75 -25.03 2.23
C ARG B 207 24.41 -26.13 1.38
N ALA B 208 24.10 -26.13 0.09
CA ALA B 208 24.66 -27.11 -0.84
C ALA B 208 26.16 -26.93 -0.97
N VAL B 209 26.59 -25.71 -1.31
CA VAL B 209 28.01 -25.43 -1.50
C VAL B 209 28.82 -25.60 -0.20
N GLU B 210 28.22 -25.29 0.94
CA GLU B 210 28.86 -25.55 2.25
C GLU B 210 29.19 -27.04 2.47
N LYS B 211 28.29 -27.93 2.05
CA LYS B 211 28.50 -29.38 2.20
C LYS B 211 29.67 -29.90 1.38
N GLY B 212 30.04 -29.18 0.32
CA GLY B 212 31.25 -29.49 -0.44
C GLY B 212 30.92 -29.77 -1.89
N LEU B 213 31.88 -29.51 -2.78
CA LEU B 213 31.64 -29.62 -4.22
C LEU B 213 32.51 -30.68 -4.84
N PRO B 214 31.92 -31.57 -5.65
CA PRO B 214 32.74 -32.45 -6.45
C PRO B 214 33.22 -31.71 -7.68
N ASP B 215 34.25 -32.23 -8.34
CA ASP B 215 34.67 -31.69 -9.64
C ASP B 215 33.66 -32.10 -10.71
N LEU B 216 33.70 -31.44 -11.86
CA LEU B 216 32.63 -31.54 -12.85
C LEU B 216 33.13 -32.03 -14.19
N SER B 217 32.56 -33.13 -14.66
CA SER B 217 32.92 -33.70 -15.96
C SER B 217 32.36 -32.84 -17.08
N VAL B 218 33.24 -32.20 -17.84
CA VAL B 218 32.85 -31.22 -18.87
C VAL B 218 33.01 -31.73 -20.31
N SER B 219 33.46 -32.98 -20.48
CA SER B 219 33.54 -33.59 -21.81
C SER B 219 32.79 -34.90 -21.85
N ARG B 220 32.51 -35.34 -23.07
CA ARG B 220 32.06 -36.70 -23.34
C ARG B 220 32.67 -37.16 -24.65
N ALA B 221 32.91 -38.47 -24.77
CA ALA B 221 33.37 -39.08 -26.02
C ALA B 221 32.36 -38.81 -27.14
N ARG B 222 32.84 -38.65 -28.36
CA ARG B 222 31.98 -38.16 -29.45
C ARG B 222 30.89 -39.15 -29.91
N ALA B 223 31.15 -40.44 -29.81
CA ALA B 223 30.13 -41.46 -30.11
C ALA B 223 28.94 -41.35 -29.13
N THR B 224 29.25 -41.08 -27.86
CA THR B 224 28.24 -40.91 -26.81
C THR B 224 27.24 -39.80 -27.15
N LEU B 225 27.74 -38.71 -27.77
CA LEU B 225 26.90 -37.58 -28.19
C LEU B 225 26.41 -37.70 -29.64
N HIS B 226 26.52 -38.87 -30.23
CA HIS B 226 26.15 -39.08 -31.64
C HIS B 226 26.72 -38.01 -32.53
N ASN B 227 27.96 -37.61 -32.26
CA ASN B 227 28.66 -36.59 -33.03
C ASN B 227 27.86 -35.33 -33.25
N TRP B 228 27.18 -34.87 -32.22
CA TRP B 228 26.31 -33.70 -32.36
C TRP B 228 26.52 -32.76 -31.21
N ALA B 229 27.61 -32.02 -31.30
CA ALA B 229 28.15 -31.24 -30.20
C ALA B 229 29.35 -30.46 -30.71
N ILE B 230 30.00 -29.70 -29.84
CA ILE B 230 31.19 -28.92 -30.21
C ILE B 230 32.46 -29.70 -29.84
N PRO B 231 33.41 -29.81 -30.78
CA PRO B 231 34.61 -30.56 -30.43
C PRO B 231 35.45 -29.84 -29.40
N VAL B 232 36.12 -30.59 -28.55
CA VAL B 232 37.07 -29.99 -27.61
C VAL B 232 38.29 -29.47 -28.37
N PRO B 233 38.60 -28.16 -28.22
CA PRO B 233 39.78 -27.53 -28.82
C PRO B 233 41.02 -28.39 -28.71
N GLY B 234 41.60 -28.74 -29.85
CA GLY B 234 42.81 -29.56 -29.86
C GLY B 234 42.60 -31.02 -29.50
N ASN B 235 41.34 -31.47 -29.44
CA ASN B 235 41.03 -32.88 -29.19
C ASN B 235 39.67 -33.30 -29.75
N PRO B 236 39.63 -33.58 -31.06
CA PRO B 236 38.38 -33.91 -31.75
C PRO B 236 37.77 -35.28 -31.46
N ASP B 237 38.45 -36.11 -30.66
CA ASP B 237 37.81 -37.35 -30.19
C ASP B 237 36.80 -37.10 -29.06
N HIS B 238 36.73 -35.85 -28.56
CA HIS B 238 35.86 -35.47 -27.44
C HIS B 238 35.09 -34.21 -27.74
N CAS B 239 33.90 -34.09 -27.16
CA CAS B 239 33.07 -32.91 -27.32
CB CAS B 239 31.70 -33.20 -27.94
C CAS B 239 32.79 -32.21 -26.02
O CAS B 239 32.76 -32.85 -24.96
SG CAS B 239 31.73 -34.58 -29.03
AS CAS B 239 32.24 -33.49 -30.88
CE1 CAS B 239 34.07 -33.67 -31.58
CE2 CAS B 239 30.94 -32.40 -31.93
N VAL B 240 32.55 -30.89 -26.11
CA VAL B 240 32.12 -30.08 -24.97
C VAL B 240 30.67 -30.41 -24.59
N TYR B 241 30.50 -30.95 -23.38
CA TYR B 241 29.19 -31.36 -22.85
C TYR B 241 28.36 -30.13 -22.44
N VAL B 242 27.17 -30.35 -21.89
CA VAL B 242 26.17 -29.30 -21.73
C VAL B 242 26.63 -28.04 -20.97
N TRP B 243 27.45 -28.25 -19.94
CA TRP B 243 27.77 -27.17 -19.00
C TRP B 243 28.43 -26.02 -19.70
N LEU B 244 29.59 -26.25 -20.31
CA LEU B 244 30.32 -25.17 -20.96
C LEU B 244 29.74 -24.79 -22.33
N ASP B 245 28.77 -25.57 -22.80
CA ASP B 245 28.07 -25.27 -24.04
C ASP B 245 26.90 -24.33 -23.76
N ALA B 246 25.91 -24.82 -23.03
CA ALA B 246 24.67 -24.09 -22.80
C ALA B 246 24.90 -22.76 -22.06
N LEU B 247 25.52 -22.84 -20.88
CA LEU B 247 25.69 -21.68 -20.01
C LEU B 247 26.40 -20.54 -20.73
N THR B 248 27.33 -20.89 -21.63
CA THR B 248 28.17 -19.90 -22.30
C THR B 248 27.40 -19.02 -23.27
N ASN B 249 26.18 -19.45 -23.63
CA ASN B 249 25.34 -18.66 -24.51
C ASN B 249 25.22 -17.22 -24.01
N TYR B 250 25.21 -17.07 -22.69
CA TYR B 250 25.09 -15.77 -22.09
C TYR B 250 26.29 -14.89 -22.46
N LEU B 251 27.47 -15.50 -22.48
CA LEU B 251 28.69 -14.79 -22.84
C LEU B 251 28.73 -14.48 -24.35
N THR B 252 28.40 -15.48 -25.18
CA THR B 252 28.32 -15.28 -26.63
C THR B 252 27.39 -14.10 -26.89
N GLY B 253 26.20 -14.17 -26.32
CA GLY B 253 25.20 -13.15 -26.54
C GLY B 253 25.72 -11.78 -26.21
N SER B 254 26.52 -11.69 -25.15
CA SER B 254 27.03 -10.38 -24.68
C SER B 254 28.07 -9.76 -25.64
N ARG B 255 28.59 -10.59 -26.53
CA ARG B 255 29.63 -10.19 -27.48
C ARG B 255 29.18 -10.12 -28.95
N LEU B 256 27.86 -10.23 -29.21
CA LEU B 256 27.35 -10.15 -30.58
C LEU B 256 26.86 -8.75 -30.92
N ARG B 257 27.40 -8.16 -31.98
CA ARG B 257 26.78 -6.97 -32.57
C ARG B 257 25.59 -7.45 -33.37
N VAL B 258 24.41 -6.89 -33.10
CA VAL B 258 23.19 -7.34 -33.78
C VAL B 258 22.60 -6.19 -34.60
N ASP B 259 22.13 -6.51 -35.81
CA ASP B 259 21.54 -5.51 -36.70
C ASP B 259 20.05 -5.33 -36.41
N GLU B 260 19.37 -4.54 -37.22
CA GLU B 260 17.97 -4.15 -36.97
C GLU B 260 16.96 -5.29 -37.23
N SER B 261 17.28 -6.19 -38.15
CA SER B 261 16.43 -7.35 -38.43
C SER B 261 16.59 -8.42 -37.34
N GLY B 262 17.72 -8.39 -36.62
CA GLY B 262 17.97 -9.30 -35.51
C GLY B 262 18.98 -10.41 -35.77
N LYS B 263 19.66 -10.38 -36.92
CA LYS B 263 20.69 -11.37 -37.20
C LYS B 263 22.05 -10.91 -36.70
N GLU B 264 22.82 -11.83 -36.11
CA GLU B 264 24.18 -11.55 -35.64
C GLU B 264 25.05 -11.12 -36.81
N VAL B 265 25.90 -10.16 -36.55
CA VAL B 265 26.73 -9.56 -37.59
C VAL B 265 28.21 -9.82 -37.27
N SER B 266 28.60 -9.57 -36.03
CA SER B 266 30.00 -9.60 -35.64
C SER B 266 30.11 -10.22 -34.25
N LEU B 267 31.12 -11.05 -34.03
CA LEU B 267 31.53 -11.42 -32.68
C LEU B 267 32.68 -10.51 -32.25
N VAL B 268 32.38 -9.61 -31.34
CA VAL B 268 33.37 -8.75 -30.70
C VAL B 268 34.33 -9.57 -29.81
N ASP B 269 35.62 -9.23 -29.84
CA ASP B 269 36.63 -9.91 -29.02
C ASP B 269 36.52 -9.55 -27.55
N ASP B 270 36.41 -8.26 -27.25
CA ASP B 270 36.34 -7.79 -25.87
C ASP B 270 34.89 -7.49 -25.46
N PHE B 271 34.37 -8.29 -24.53
CA PHE B 271 32.98 -8.11 -24.06
C PHE B 271 32.73 -6.68 -23.59
N ASN B 272 33.71 -6.07 -22.92
CA ASN B 272 33.59 -4.67 -22.50
C ASN B 272 33.15 -3.70 -23.58
N GLU B 273 33.40 -4.04 -24.85
CA GLU B 273 33.02 -3.17 -25.96
C GLU B 273 31.50 -2.95 -26.13
N LEU B 274 30.68 -3.90 -25.69
CA LEU B 274 29.23 -3.79 -25.81
C LEU B 274 28.51 -3.46 -24.48
N GLU B 275 29.29 -3.31 -23.40
CA GLU B 275 28.75 -3.00 -22.08
C GLU B 275 27.63 -3.95 -21.58
N ARG B 276 27.64 -5.22 -22.01
CA ARG B 276 26.56 -6.14 -21.63
C ARG B 276 26.90 -7.08 -20.51
N PHE B 277 28.05 -7.74 -20.62
CA PHE B 277 28.41 -8.75 -19.64
C PHE B 277 28.92 -8.08 -18.37
N PRO B 278 28.53 -8.60 -17.18
CA PRO B 278 27.69 -9.79 -16.96
C PRO B 278 26.21 -9.47 -16.98
N ALA B 279 25.38 -10.50 -17.01
CA ALA B 279 23.94 -10.30 -16.92
C ALA B 279 23.62 -9.56 -15.63
N ASP B 280 22.75 -8.55 -15.75
CA ASP B 280 22.19 -7.89 -14.56
C ASP B 280 21.13 -8.80 -13.96
N VAL B 281 20.37 -9.48 -14.80
CA VAL B 281 19.44 -10.52 -14.34
C VAL B 281 19.42 -11.75 -15.23
N HIS B 282 19.71 -12.90 -14.65
CA HIS B 282 19.42 -14.19 -15.29
C HIS B 282 18.11 -14.68 -14.81
N VAL B 283 17.11 -14.79 -15.70
CA VAL B 283 15.86 -15.45 -15.36
C VAL B 283 15.95 -16.94 -15.65
N ILE B 284 15.64 -17.77 -14.66
CA ILE B 284 15.65 -19.21 -14.81
C ILE B 284 14.55 -19.84 -13.98
N GLY B 285 14.24 -21.10 -14.25
CA GLY B 285 13.36 -21.90 -13.39
C GLY B 285 14.20 -22.49 -12.28
N LYS B 286 13.55 -23.00 -11.23
CA LYS B 286 14.26 -23.55 -10.07
C LYS B 286 15.06 -24.80 -10.39
N ASP B 287 14.60 -25.57 -11.36
CA ASP B 287 15.26 -26.80 -11.80
C ASP B 287 16.74 -26.63 -12.17
N ILE B 288 17.11 -25.44 -12.63
CA ILE B 288 18.48 -25.19 -13.12
C ILE B 288 19.23 -24.13 -12.30
N LEU B 289 18.84 -24.00 -11.03
CA LEU B 289 19.46 -23.03 -10.11
C LEU B 289 20.87 -23.43 -9.76
N LYS B 290 21.06 -24.71 -9.44
CA LYS B 290 22.38 -25.23 -9.12
C LYS B 290 23.37 -24.91 -10.24
N PHE B 291 22.93 -25.01 -11.48
CA PHE B 291 23.82 -24.80 -12.62
C PHE B 291 24.19 -23.34 -12.79
N HIS B 292 23.21 -22.44 -12.60
CA HIS B 292 23.45 -20.98 -12.74
C HIS B 292 24.13 -20.33 -11.53
N ALA B 293 23.97 -20.94 -10.35
CA ALA B 293 24.48 -20.37 -9.10
C ALA B 293 25.79 -20.99 -8.61
N ILE B 294 26.12 -22.17 -9.11
CA ILE B 294 27.32 -22.90 -8.70
C ILE B 294 28.29 -23.06 -9.88
N TYR B 295 27.93 -23.81 -10.90
CA TYR B 295 28.83 -24.00 -12.05
C TYR B 295 29.17 -22.68 -12.79
N TRP B 296 28.16 -21.99 -13.29
CA TRP B 296 28.36 -20.77 -14.08
C TRP B 296 29.34 -19.79 -13.45
N PRO B 297 29.10 -19.35 -12.20
CA PRO B 297 30.09 -18.44 -11.62
C PRO B 297 31.50 -19.03 -11.44
N ALA B 298 31.58 -20.34 -11.15
CA ALA B 298 32.86 -21.03 -11.07
C ALA B 298 33.61 -20.90 -12.40
N PHE B 299 32.93 -21.19 -13.50
CA PHE B 299 33.53 -20.97 -14.81
C PHE B 299 33.98 -19.50 -14.99
N LEU B 300 33.15 -18.54 -14.58
CA LEU B 300 33.50 -17.12 -14.71
C LEU B 300 34.69 -16.78 -13.82
N LEU B 301 34.69 -17.27 -12.59
CA LEU B 301 35.83 -17.07 -11.67
C LEU B 301 37.14 -17.54 -12.30
N SER B 302 37.18 -18.79 -12.72
CA SER B 302 38.35 -19.32 -13.42
C SER B 302 38.78 -18.43 -14.58
N ALA B 303 37.84 -18.02 -15.43
CA ALA B 303 38.15 -17.19 -16.61
C ALA B 303 38.61 -15.77 -16.23
N GLY B 304 38.36 -15.38 -14.99
CA GLY B 304 38.64 -14.03 -14.54
C GLY B 304 37.62 -13.07 -15.11
N LEU B 305 36.39 -13.56 -15.28
CA LEU B 305 35.32 -12.78 -15.90
C LEU B 305 34.36 -12.34 -14.80
N PRO B 306 33.70 -11.19 -14.99
CA PRO B 306 32.83 -10.68 -13.96
C PRO B 306 31.61 -11.58 -13.74
N LEU B 307 31.12 -11.59 -12.51
CA LEU B 307 29.94 -12.39 -12.17
C LEU B 307 28.61 -11.63 -12.33
N PRO B 308 27.53 -12.39 -12.60
CA PRO B 308 26.20 -11.80 -12.71
C PRO B 308 25.76 -11.14 -11.41
N LYS B 309 24.90 -10.15 -11.52
CA LYS B 309 24.42 -9.41 -10.35
C LYS B 309 23.28 -10.16 -9.65
N LYS B 310 22.32 -10.67 -10.42
CA LYS B 310 21.24 -11.45 -9.86
C LYS B 310 20.86 -12.64 -10.74
N ILE B 311 20.60 -13.77 -10.09
CA ILE B 311 19.92 -14.90 -10.68
C ILE B 311 18.54 -14.99 -10.01
N VAL B 312 17.45 -14.96 -10.77
CA VAL B 312 16.11 -15.10 -10.19
C VAL B 312 15.47 -16.44 -10.62
N ALA B 313 14.97 -17.21 -9.66
CA ALA B 313 14.42 -18.55 -9.93
C ALA B 313 12.94 -18.71 -9.53
N HIS B 314 12.09 -19.07 -10.50
CA HIS B 314 10.66 -19.24 -10.27
C HIS B 314 10.25 -20.71 -10.15
N GLY B 315 8.96 -20.94 -9.88
CA GLY B 315 8.42 -22.31 -9.76
C GLY B 315 7.61 -22.79 -10.95
N TRP B 316 7.13 -24.03 -10.86
CA TRP B 316 6.34 -24.68 -11.94
C TRP B 316 4.91 -24.18 -12.00
N TRP B 317 4.16 -24.70 -12.97
CA TRP B 317 2.73 -24.40 -13.10
C TRP B 317 1.90 -25.65 -13.03
N THR B 318 0.60 -25.47 -12.79
CA THR B 318 -0.40 -26.54 -12.84
C THR B 318 -1.78 -25.95 -13.16
N LYS B 319 -2.44 -26.47 -14.20
CA LYS B 319 -3.78 -25.99 -14.61
C LYS B 319 -4.88 -26.77 -13.86
N ASP B 320 -5.80 -26.04 -13.22
CA ASP B 320 -6.89 -26.64 -12.44
C ASP B 320 -6.38 -27.59 -11.36
N ARG B 321 -5.31 -27.16 -10.68
CA ARG B 321 -4.71 -27.88 -9.53
C ARG B 321 -4.01 -29.21 -9.88
N LYS B 322 -4.10 -29.66 -11.13
CA LYS B 322 -3.52 -30.94 -11.56
C LYS B 322 -2.37 -30.66 -12.54
N LYS B 323 -1.47 -31.64 -12.69
CA LYS B 323 -0.26 -31.46 -13.52
C LYS B 323 -0.62 -31.22 -15.01
N ILE B 324 0.08 -30.29 -15.65
CA ILE B 324 -0.06 -30.05 -17.10
C ILE B 324 0.84 -31.04 -17.83
N SER B 325 0.28 -31.89 -18.68
CA SER B 325 1.04 -32.99 -19.26
C SER B 325 0.63 -33.34 -20.71
N LYS B 326 1.57 -33.93 -21.44
CA LYS B 326 1.32 -34.44 -22.79
C LYS B 326 0.18 -35.46 -22.75
N SER B 327 0.34 -36.48 -21.91
CA SER B 327 -0.74 -37.42 -21.59
C SER B 327 -1.49 -36.93 -20.34
N LEU B 328 -2.27 -37.80 -19.72
CA LEU B 328 -3.09 -37.47 -18.53
C LEU B 328 -4.25 -36.45 -18.79
N GLY B 329 -4.34 -35.92 -20.01
CA GLY B 329 -5.49 -35.11 -20.43
C GLY B 329 -5.62 -33.73 -19.80
N ASN B 330 -4.50 -33.10 -19.48
CA ASN B 330 -4.49 -31.73 -18.98
C ASN B 330 -3.42 -30.89 -19.70
N VAL B 331 -3.87 -29.92 -20.49
CA VAL B 331 -2.99 -29.07 -21.28
C VAL B 331 -3.31 -27.60 -21.05
N PHE B 332 -2.26 -26.79 -20.94
CA PHE B 332 -2.38 -25.35 -20.88
C PHE B 332 -1.65 -24.73 -22.06
N ASP B 333 -2.41 -24.24 -23.04
CA ASP B 333 -1.86 -23.64 -24.26
C ASP B 333 -1.97 -22.12 -24.19
N PRO B 334 -0.84 -21.41 -24.09
CA PRO B 334 -0.88 -19.97 -23.96
C PRO B 334 -1.43 -19.21 -25.16
N VAL B 335 -1.28 -19.74 -26.36
CA VAL B 335 -1.78 -19.03 -27.54
C VAL B 335 -3.32 -19.12 -27.57
N GLU B 336 -3.84 -20.30 -27.24
CA GLU B 336 -5.27 -20.53 -27.14
C GLU B 336 -5.93 -19.57 -26.16
N LYS B 337 -5.37 -19.48 -24.95
CA LYS B 337 -5.94 -18.64 -23.88
C LYS B 337 -5.84 -17.17 -24.22
N ALA B 338 -4.70 -16.76 -24.77
CA ALA B 338 -4.50 -15.39 -25.20
C ALA B 338 -5.52 -15.00 -26.26
N GLU B 339 -5.85 -15.94 -27.15
CA GLU B 339 -6.81 -15.65 -28.22
C GLU B 339 -8.25 -15.55 -27.70
N GLU B 340 -8.50 -16.13 -26.53
CA GLU B 340 -9.82 -16.04 -25.91
C GLU B 340 -9.96 -14.86 -24.96
N PHE B 341 -8.94 -14.61 -24.14
CA PHE B 341 -8.99 -13.58 -23.09
C PHE B 341 -8.16 -12.34 -23.43
N GLY B 342 -7.20 -12.49 -24.33
CA GLY B 342 -6.29 -11.40 -24.68
C GLY B 342 -4.87 -11.69 -24.23
N TYR B 343 -3.91 -11.22 -25.02
CA TYR B 343 -2.49 -11.43 -24.76
C TYR B 343 -1.98 -10.66 -23.52
N ASP B 344 -2.18 -9.34 -23.50
CA ASP B 344 -1.84 -8.54 -22.33
C ASP B 344 -2.56 -9.09 -21.10
N ALA B 345 -3.85 -9.38 -21.26
CA ALA B 345 -4.64 -9.95 -20.18
C ALA B 345 -3.96 -11.20 -19.63
N LEU B 346 -3.55 -12.09 -20.53
CA LEU B 346 -2.94 -13.36 -20.12
C LEU B 346 -1.63 -13.14 -19.38
N LYS B 347 -0.80 -12.27 -19.92
CA LYS B 347 0.46 -11.94 -19.29
C LYS B 347 0.26 -11.38 -17.87
N TYR B 348 -0.63 -10.41 -17.74
CA TYR B 348 -0.99 -9.88 -16.43
C TYR B 348 -1.30 -10.99 -15.46
N PHE B 349 -2.09 -11.96 -15.90
CA PHE B 349 -2.53 -13.04 -15.02
C PHE B 349 -1.36 -13.90 -14.55
N LEU B 350 -0.58 -14.39 -15.50
CA LEU B 350 0.55 -15.24 -15.15
C LEU B 350 1.49 -14.55 -14.16
N LEU B 351 1.67 -13.24 -14.33
CA LEU B 351 2.62 -12.50 -13.51
C LEU B 351 2.02 -12.11 -12.18
N ARG B 352 0.72 -11.82 -12.16
CA ARG B 352 0.03 -11.40 -10.93
C ARG B 352 -0.37 -12.59 -10.08
N GLU B 353 -0.73 -13.71 -10.71
CA GLU B 353 -1.27 -14.85 -9.96
C GLU B 353 -0.27 -15.44 -8.98
N SER B 354 0.90 -15.82 -9.47
CA SER B 354 1.89 -16.46 -8.61
C SER B 354 3.23 -15.75 -8.61
N GLY B 355 3.86 -15.76 -7.44
CA GLY B 355 5.21 -15.27 -7.30
C GLY B 355 6.20 -16.33 -7.69
N PHE B 356 7.46 -16.11 -7.35
CA PHE B 356 8.53 -17.08 -7.60
C PHE B 356 8.58 -18.19 -6.54
N SER B 357 8.28 -17.84 -5.28
CA SER B 357 8.23 -18.80 -4.19
C SER B 357 7.06 -19.75 -4.36
N ASP B 358 6.12 -19.34 -5.19
CA ASP B 358 4.86 -20.02 -5.34
C ASP B 358 4.86 -20.80 -6.65
N ASP B 359 4.21 -21.96 -6.62
CA ASP B 359 3.81 -22.65 -7.84
C ASP B 359 2.36 -22.21 -8.12
N GLY B 360 2.14 -21.56 -9.27
CA GLY B 360 0.85 -20.97 -9.57
C GLY B 360 -0.25 -21.96 -9.87
N ASP B 361 -1.51 -21.52 -9.72
CA ASP B 361 -2.68 -22.33 -10.10
C ASP B 361 -3.64 -21.55 -11.04
N TYR B 362 -3.48 -21.80 -12.35
CA TYR B 362 -4.37 -21.27 -13.37
C TYR B 362 -5.69 -22.03 -13.45
N SER B 363 -6.78 -21.28 -13.55
CA SER B 363 -8.07 -21.80 -13.96
C SER B 363 -8.80 -20.69 -14.73
N ASP B 364 -9.72 -21.07 -15.61
CA ASP B 364 -10.52 -20.07 -16.31
C ASP B 364 -11.33 -19.27 -15.31
N LYS B 365 -11.85 -19.93 -14.27
CA LYS B 365 -12.59 -19.27 -13.20
C LYS B 365 -11.82 -18.08 -12.65
N ASN B 366 -10.56 -18.31 -12.31
CA ASN B 366 -9.72 -17.32 -11.63
C ASN B 366 -9.13 -16.28 -12.59
N MET B 367 -8.79 -16.72 -13.80
CA MET B 367 -8.40 -15.83 -14.89
C MET B 367 -9.49 -14.79 -15.18
N ILE B 368 -10.73 -15.26 -15.20
CA ILE B 368 -11.89 -14.40 -15.42
C ILE B 368 -12.13 -13.50 -14.20
N ALA B 369 -11.89 -14.06 -13.01
CA ALA B 369 -11.97 -13.27 -11.78
C ALA B 369 -11.10 -12.00 -11.89
N ARG B 370 -9.83 -12.18 -12.27
CA ARG B 370 -8.88 -11.07 -12.35
C ARG B 370 -9.12 -10.13 -13.53
N LEU B 371 -9.48 -10.68 -14.69
CA LEU B 371 -9.77 -9.86 -15.87
C LEU B 371 -10.91 -8.88 -15.57
N ASN B 372 -11.95 -9.37 -14.92
CA ASN B 372 -13.10 -8.54 -14.57
C ASN B 372 -12.82 -7.64 -13.39
N GLY B 373 -12.32 -8.23 -12.31
CA GLY B 373 -12.12 -7.50 -11.05
C GLY B 373 -11.03 -6.44 -11.08
N GLU B 374 -9.90 -6.75 -11.69
CA GLU B 374 -8.73 -5.88 -11.66
C GLU B 374 -8.59 -5.06 -12.94
N LEU B 375 -8.51 -5.75 -14.09
CA LEU B 375 -8.28 -5.06 -15.37
C LEU B 375 -9.47 -4.23 -15.85
N ALA B 376 -10.67 -4.81 -15.76
CA ALA B 376 -11.90 -4.12 -16.18
C ALA B 376 -12.39 -3.12 -15.10
N ASP B 377 -12.71 -3.66 -13.92
CA ASP B 377 -13.30 -2.83 -12.88
C ASP B 377 -12.34 -1.80 -12.35
N THR B 378 -11.11 -2.20 -12.03
CA THR B 378 -10.19 -1.26 -11.40
C THR B 378 -9.56 -0.34 -12.43
N LEU B 379 -8.82 -0.90 -13.37
CA LEU B 379 -8.11 -0.10 -14.37
C LEU B 379 -9.04 0.46 -15.45
N GLY B 380 -9.71 -0.44 -16.18
CA GLY B 380 -10.59 -0.07 -17.29
C GLY B 380 -11.62 1.02 -16.95
N ASN B 381 -12.40 0.76 -15.91
CA ASN B 381 -13.42 1.71 -15.43
C ASN B 381 -12.86 3.09 -15.18
N LEU B 382 -11.69 3.11 -14.53
CA LEU B 382 -11.03 4.37 -14.15
C LEU B 382 -10.64 5.17 -15.40
N VAL B 383 -10.16 4.46 -16.42
CA VAL B 383 -9.74 5.09 -17.67
C VAL B 383 -10.93 5.72 -18.40
N MET B 384 -12.07 5.05 -18.36
CA MET B 384 -13.27 5.57 -18.99
C MET B 384 -13.75 6.84 -18.28
N ARG B 385 -13.75 6.84 -16.96
CA ARG B 385 -14.25 7.98 -16.16
C ARG B 385 -13.55 9.29 -16.47
N CYS B 386 -12.21 9.27 -16.47
CA CYS B 386 -11.46 10.50 -16.68
C CYS B 386 -11.47 10.97 -18.15
N THR B 387 -11.72 10.05 -19.07
CA THR B 387 -11.82 10.38 -20.50
C THR B 387 -13.26 10.56 -20.97
N SER B 388 -14.22 10.34 -20.08
CA SER B 388 -15.63 10.42 -20.42
C SER B 388 -16.06 11.83 -20.82
N ALA B 389 -16.86 11.93 -21.88
CA ALA B 389 -17.42 13.20 -22.32
C ALA B 389 -18.37 13.81 -21.28
N LYS B 390 -19.00 12.95 -20.47
CA LYS B 390 -19.91 13.40 -19.41
C LYS B 390 -19.18 14.11 -18.29
N ILE B 391 -17.91 13.77 -18.08
CA ILE B 391 -17.13 14.26 -16.94
C ILE B 391 -16.06 15.24 -17.43
N ASN B 392 -15.21 14.74 -18.32
CA ASN B 392 -14.19 15.55 -18.98
C ASN B 392 -14.81 16.21 -20.22
N VAL B 393 -15.57 17.28 -20.01
CA VAL B 393 -16.37 17.82 -21.10
C VAL B 393 -15.55 18.61 -22.11
N ASN B 394 -14.35 19.05 -21.76
CA ASN B 394 -13.50 19.77 -22.72
C ASN B 394 -12.49 18.86 -23.43
N GLY B 395 -12.50 17.57 -23.07
CA GLY B 395 -11.62 16.59 -23.68
C GLY B 395 -10.16 16.95 -23.54
N GLU B 396 -9.76 17.29 -22.33
CA GLU B 396 -8.40 17.78 -22.09
C GLU B 396 -7.99 17.63 -20.64
N TRP B 397 -6.74 17.97 -20.37
CA TRP B 397 -6.21 17.94 -19.03
C TRP B 397 -6.43 19.30 -18.44
N PRO B 398 -7.20 19.39 -17.34
CA PRO B 398 -7.43 20.70 -16.74
C PRO B 398 -6.28 21.15 -15.83
N SER B 399 -6.21 22.47 -15.63
CA SER B 399 -5.24 23.07 -14.72
C SER B 399 -5.84 23.00 -13.32
N PRO B 400 -5.22 22.25 -12.40
CA PRO B 400 -5.90 22.09 -11.12
C PRO B 400 -6.00 23.41 -10.37
N ALA B 401 -7.08 23.59 -9.63
CA ALA B 401 -7.19 24.63 -8.63
C ALA B 401 -6.55 24.17 -7.31
N ALA B 402 -6.88 24.85 -6.21
CA ALA B 402 -6.24 24.56 -4.91
C ALA B 402 -6.45 23.11 -4.46
N TYR B 403 -5.44 22.55 -3.80
CA TYR B 403 -5.47 21.18 -3.35
C TYR B 403 -5.91 21.10 -1.89
N THR B 404 -6.82 20.18 -1.60
CA THR B 404 -7.21 19.85 -0.23
C THR B 404 -6.26 18.79 0.31
N GLU B 405 -6.43 18.37 1.55
CA GLU B 405 -5.63 17.26 2.10
C GLU B 405 -5.98 15.92 1.51
N GLU B 406 -7.28 15.68 1.24
CA GLU B 406 -7.68 14.41 0.62
CA GLU B 406 -7.69 14.44 0.63
C GLU B 406 -7.00 14.26 -0.74
N ASP B 407 -6.89 15.36 -1.49
CA ASP B 407 -6.16 15.39 -2.77
C ASP B 407 -4.68 15.02 -2.56
N GLU B 408 -4.07 15.61 -1.54
CA GLU B 408 -2.64 15.45 -1.30
C GLU B 408 -2.36 14.06 -0.77
N SER B 409 -3.32 13.45 -0.09
CA SER B 409 -3.14 12.09 0.37
C SER B 409 -3.06 11.13 -0.82
N LEU B 410 -3.68 11.50 -1.94
CA LEU B 410 -3.63 10.69 -3.16
C LEU B 410 -2.44 11.05 -4.04
N ILE B 411 -2.10 12.33 -4.08
CA ILE B 411 -0.91 12.78 -4.80
C ILE B 411 0.34 12.12 -4.20
N GLN B 412 0.40 12.02 -2.88
CA GLN B 412 1.52 11.33 -2.23
C GLN B 412 1.67 9.89 -2.73
N LEU B 413 0.56 9.18 -2.82
CA LEU B 413 0.58 7.78 -3.25
C LEU B 413 1.12 7.73 -4.67
N ILE B 414 0.63 8.62 -5.51
CA ILE B 414 1.08 8.72 -6.90
C ILE B 414 2.57 9.09 -6.97
N LYS B 415 3.00 10.06 -6.17
CA LYS B 415 4.42 10.44 -6.14
C LYS B 415 5.34 9.33 -5.65
N ASP B 416 4.93 8.65 -4.59
CA ASP B 416 5.74 7.59 -4.00
C ASP B 416 5.80 6.30 -4.82
N LEU B 417 4.87 6.14 -5.76
CA LEU B 417 4.74 4.86 -6.47
C LEU B 417 5.93 4.46 -7.33
N PRO B 418 6.45 5.39 -8.16
CA PRO B 418 7.58 5.00 -8.98
C PRO B 418 8.74 4.39 -8.22
N GLY B 419 9.11 5.02 -7.10
CA GLY B 419 10.20 4.50 -6.28
C GLY B 419 9.95 3.12 -5.69
N THR B 420 8.71 2.85 -5.31
CA THR B 420 8.31 1.57 -4.76
C THR B 420 8.33 0.51 -5.85
N ALA B 421 7.63 0.80 -6.94
CA ALA B 421 7.62 -0.07 -8.11
C ALA B 421 9.03 -0.36 -8.62
N ASP B 422 9.89 0.64 -8.63
CA ASP B 422 11.27 0.48 -9.11
C ASP B 422 12.04 -0.54 -8.28
N HIS B 423 11.97 -0.42 -6.96
CA HIS B 423 12.63 -1.40 -6.12
C HIS B 423 12.08 -2.78 -6.35
N TYR B 424 10.77 -2.90 -6.55
CA TYR B 424 10.17 -4.23 -6.76
C TYR B 424 10.68 -4.86 -8.05
N TYR B 425 10.65 -4.09 -9.13
CA TYR B 425 11.14 -4.53 -10.43
C TYR B 425 12.62 -4.87 -10.39
N LEU B 426 13.37 -4.31 -9.45
CA LEU B 426 14.80 -4.60 -9.36
C LEU B 426 15.15 -5.85 -8.56
N ILE B 427 14.26 -6.31 -7.69
CA ILE B 427 14.58 -7.46 -6.82
C ILE B 427 15.06 -8.67 -7.63
N PRO B 428 14.36 -9.02 -8.71
CA PRO B 428 13.08 -8.48 -9.21
C PRO B 428 11.91 -9.29 -8.66
N ASP B 429 10.78 -8.63 -8.41
CA ASP B 429 9.55 -9.30 -7.95
C ASP B 429 8.37 -8.61 -8.64
N ILE B 430 7.98 -9.13 -9.79
CA ILE B 430 7.02 -8.46 -10.63
C ILE B 430 5.63 -8.53 -10.03
N GLN B 431 5.36 -9.60 -9.26
CA GLN B 431 4.07 -9.71 -8.60
C GLN B 431 3.85 -8.53 -7.67
N LYS B 432 4.86 -8.19 -6.89
CA LYS B 432 4.76 -7.10 -5.94
C LYS B 432 4.70 -5.73 -6.65
N ALA B 433 5.46 -5.58 -7.72
CA ALA B 433 5.39 -4.37 -8.51
C ALA B 433 3.96 -4.15 -8.96
N ILE B 434 3.33 -5.22 -9.47
CA ILE B 434 1.95 -5.13 -9.92
C ILE B 434 1.02 -4.76 -8.75
N ILE B 435 1.10 -5.51 -7.66
CA ILE B 435 0.28 -5.23 -6.48
C ILE B 435 0.43 -3.78 -6.02
N ALA B 436 1.63 -3.22 -6.10
CA ALA B 436 1.86 -1.85 -5.67
C ALA B 436 1.05 -0.92 -6.55
N VAL B 437 1.20 -1.09 -7.86
CA VAL B 437 0.52 -0.26 -8.81
C VAL B 437 -0.98 -0.31 -8.59
N PHE B 438 -1.51 -1.50 -8.34
CA PHE B 438 -2.96 -1.66 -8.18
C PHE B 438 -3.47 -1.13 -6.86
N ASP B 439 -2.60 -0.99 -5.86
CA ASP B 439 -3.02 -0.36 -4.64
C ASP B 439 -3.30 1.11 -4.91
N VAL B 440 -2.52 1.73 -5.77
CA VAL B 440 -2.74 3.12 -6.12
C VAL B 440 -3.95 3.23 -7.05
N LEU B 441 -4.19 2.21 -7.87
CA LEU B 441 -5.36 2.22 -8.73
C LEU B 441 -6.62 2.11 -7.88
N ARG B 442 -6.59 1.29 -6.83
CA ARG B 442 -7.72 1.20 -5.93
C ARG B 442 -7.96 2.56 -5.25
N ALA B 443 -6.89 3.20 -4.82
CA ALA B 443 -6.99 4.45 -4.09
C ALA B 443 -7.56 5.57 -4.97
N ILE B 444 -7.15 5.62 -6.23
CA ILE B 444 -7.71 6.56 -7.20
C ILE B 444 -9.21 6.35 -7.39
N ASN B 445 -9.62 5.10 -7.53
CA ASN B 445 -11.05 4.77 -7.66
C ASN B 445 -11.86 5.21 -6.45
N ALA B 446 -11.33 4.96 -5.26
CA ALA B 446 -11.99 5.35 -4.00
C ALA B 446 -12.14 6.87 -3.94
N TYR B 447 -11.09 7.56 -4.37
CA TYR B 447 -11.07 9.01 -4.43
C TYR B 447 -12.13 9.47 -5.40
N VAL B 448 -12.24 8.81 -6.56
CA VAL B 448 -13.17 9.24 -7.59
C VAL B 448 -14.61 9.06 -7.08
N THR B 449 -14.85 7.92 -6.44
CA THR B 449 -16.13 7.64 -5.81
C THR B 449 -16.45 8.73 -4.80
N ASP B 450 -15.44 9.21 -4.09
CA ASP B 450 -15.62 10.16 -3.01
C ASP B 450 -15.86 11.57 -3.52
N MET B 451 -15.16 11.95 -4.58
CA MET B 451 -15.28 13.30 -5.12
C MET B 451 -16.46 13.41 -6.07
N ALA B 452 -16.97 12.26 -6.52
CA ALA B 452 -18.13 12.18 -7.41
C ALA B 452 -18.12 13.25 -8.52
N PRO B 453 -17.10 13.22 -9.40
CA PRO B 453 -16.95 14.26 -10.42
C PRO B 453 -18.17 14.48 -11.31
N TRP B 454 -18.92 13.43 -11.58
CA TRP B 454 -20.17 13.55 -12.37
C TRP B 454 -21.06 14.61 -11.84
N LYS B 455 -21.25 14.62 -10.51
CA LYS B 455 -22.02 15.68 -9.85
C LYS B 455 -21.33 17.04 -9.94
N LEU B 456 -20.01 17.06 -9.85
CA LEU B 456 -19.25 18.30 -9.85
C LEU B 456 -19.35 19.11 -11.15
N VAL B 457 -19.67 18.47 -12.27
CA VAL B 457 -19.85 19.23 -13.52
C VAL B 457 -20.89 20.32 -13.31
N LYS B 458 -21.93 20.00 -12.55
CA LYS B 458 -23.00 20.96 -12.20
C LYS B 458 -22.68 21.73 -10.92
N THR B 459 -22.40 21.00 -9.84
CA THR B 459 -22.16 21.62 -8.54
C THR B 459 -20.97 22.59 -8.53
N ASP B 460 -19.82 22.18 -9.09
CA ASP B 460 -18.55 22.89 -8.85
C ASP B 460 -17.50 22.66 -9.94
N PRO B 461 -17.60 23.40 -11.06
CA PRO B 461 -16.65 23.22 -12.17
C PRO B 461 -15.19 23.38 -11.75
N GLU B 462 -14.94 24.33 -10.84
CA GLU B 462 -13.58 24.64 -10.42
C GLU B 462 -12.98 23.45 -9.66
N ARG B 463 -13.74 22.85 -8.76
CA ARG B 463 -13.27 21.67 -8.02
C ARG B 463 -13.00 20.52 -8.98
N LEU B 464 -13.86 20.33 -9.97
CA LEU B 464 -13.69 19.25 -10.94
C LEU B 464 -12.36 19.36 -11.67
N ARG B 465 -11.94 20.57 -12.02
CA ARG B 465 -10.63 20.76 -12.62
C ARG B 465 -9.55 20.01 -11.79
N THR B 466 -9.51 20.28 -10.49
CA THR B 466 -8.53 19.65 -9.62
C THR B 466 -8.71 18.13 -9.61
N VAL B 467 -9.94 17.68 -9.45
CA VAL B 467 -10.23 16.25 -9.31
C VAL B 467 -9.90 15.47 -10.60
N LEU B 468 -10.23 16.06 -11.74
CA LEU B 468 -9.92 15.45 -13.02
C LEU B 468 -8.41 15.36 -13.18
N TYR B 469 -7.76 16.48 -12.94
CA TYR B 469 -6.33 16.52 -13.16
C TYR B 469 -5.60 15.43 -12.37
N ILE B 470 -5.93 15.31 -11.09
CA ILE B 470 -5.29 14.30 -10.25
C ILE B 470 -5.58 12.89 -10.80
N THR B 471 -6.84 12.61 -11.12
CA THR B 471 -7.19 11.33 -11.68
C THR B 471 -6.42 11.04 -12.96
N LEU B 472 -6.46 11.98 -13.89
CA LEU B 472 -5.73 11.81 -15.14
C LEU B 472 -4.26 11.47 -14.86
N GLU B 473 -3.64 12.24 -13.99
CA GLU B 473 -2.22 12.06 -13.75
C GLU B 473 -1.95 10.72 -13.07
N GLY B 474 -2.86 10.29 -12.22
CA GLY B 474 -2.73 9.01 -11.53
C GLY B 474 -2.78 7.83 -12.49
N VAL B 475 -3.70 7.90 -13.44
CA VAL B 475 -3.83 6.89 -14.46
C VAL B 475 -2.56 6.83 -15.33
N ARG B 476 -2.04 7.98 -15.70
CA ARG B 476 -0.80 8.02 -16.48
C ARG B 476 0.33 7.29 -15.77
N VAL B 477 0.58 7.63 -14.51
CA VAL B 477 1.76 7.14 -13.82
C VAL B 477 1.68 5.64 -13.58
N THR B 478 0.49 5.18 -13.22
CA THR B 478 0.20 3.77 -13.02
C THR B 478 0.29 2.98 -14.34
N THR B 479 -0.25 3.54 -15.41
CA THR B 479 -0.18 2.92 -16.72
C THR B 479 1.26 2.81 -17.15
N LEU B 480 2.03 3.87 -16.90
CA LEU B 480 3.45 3.89 -17.26
C LEU B 480 4.19 2.74 -16.58
N LEU B 481 4.01 2.62 -15.27
CA LEU B 481 4.63 1.55 -14.51
C LEU B 481 4.04 0.15 -14.79
N LEU B 482 2.82 0.10 -15.36
CA LEU B 482 2.20 -1.16 -15.80
C LEU B 482 2.51 -1.49 -17.26
N SER B 483 3.14 -0.58 -17.98
CA SER B 483 3.33 -0.76 -19.42
C SER B 483 4.24 -1.93 -19.75
N PRO B 484 5.17 -2.29 -18.85
CA PRO B 484 5.93 -3.51 -19.12
C PRO B 484 5.11 -4.80 -18.97
N ILE B 485 3.97 -4.71 -18.27
CA ILE B 485 3.08 -5.85 -18.05
C ILE B 485 2.05 -5.97 -19.18
N LEU B 486 1.45 -4.84 -19.53
CA LEU B 486 0.45 -4.74 -20.58
C LEU B 486 0.96 -3.75 -21.64
N PRO B 487 1.91 -4.17 -22.46
CA PRO B 487 2.49 -3.21 -23.37
C PRO B 487 1.51 -2.72 -24.42
N ARG B 488 0.63 -3.58 -24.89
CA ARG B 488 -0.34 -3.16 -25.90
C ARG B 488 -1.40 -2.23 -25.32
N LYS B 489 -2.02 -2.66 -24.23
CA LYS B 489 -3.10 -1.91 -23.60
C LYS B 489 -2.66 -0.57 -23.06
N SER B 490 -1.40 -0.47 -22.66
CA SER B 490 -0.87 0.80 -22.20
C SER B 490 -0.77 1.83 -23.33
N VAL B 491 -0.47 1.35 -24.54
CA VAL B 491 -0.44 2.22 -25.70
C VAL B 491 -1.86 2.75 -25.96
N VAL B 492 -2.85 1.89 -25.78
CA VAL B 492 -4.25 2.30 -25.98
C VAL B 492 -4.62 3.38 -24.97
N ILE B 493 -4.31 3.11 -23.69
CA ILE B 493 -4.62 4.02 -22.59
C ILE B 493 -3.94 5.38 -22.79
N PHE B 494 -2.70 5.37 -23.26
CA PHE B 494 -1.98 6.62 -23.47
C PHE B 494 -2.59 7.43 -24.61
N ASP B 495 -3.06 6.75 -25.66
CA ASP B 495 -3.72 7.43 -26.78
C ASP B 495 -4.98 8.16 -26.29
N MET B 496 -5.78 7.45 -25.50
CA MET B 496 -7.03 7.97 -24.98
C MET B 496 -6.78 9.22 -24.16
N LEU B 497 -5.81 9.14 -23.26
CA LEU B 497 -5.42 10.27 -22.40
C LEU B 497 -4.69 11.38 -23.16
N GLY B 498 -4.29 11.09 -24.39
CA GLY B 498 -3.61 12.06 -25.23
C GLY B 498 -2.18 12.32 -24.80
N VAL B 499 -1.58 11.38 -24.08
CA VAL B 499 -0.20 11.52 -23.61
C VAL B 499 0.75 11.48 -24.80
N PRO B 500 1.50 12.57 -25.04
CA PRO B 500 2.51 12.57 -26.10
C PRO B 500 3.53 11.42 -25.95
N GLU B 501 4.03 10.93 -27.08
CA GLU B 501 5.00 9.82 -27.13
C GLU B 501 6.22 10.05 -26.23
N VAL B 502 6.79 11.24 -26.29
CA VAL B 502 7.95 11.61 -25.49
C VAL B 502 7.71 11.32 -23.99
N HIS B 503 6.46 11.45 -23.51
CA HIS B 503 6.15 11.24 -22.09
C HIS B 503 5.77 9.82 -21.75
N ARG B 504 5.88 8.90 -22.71
CA ARG B 504 5.45 7.52 -22.48
C ARG B 504 6.58 6.61 -22.02
N LYS B 505 7.83 7.06 -22.14
CA LYS B 505 8.96 6.38 -21.52
C LYS B 505 10.01 7.40 -21.01
N GLY B 506 10.77 7.00 -19.99
CA GLY B 506 11.84 7.83 -19.44
C GLY B 506 11.66 8.10 -17.95
N ILE B 507 12.74 7.99 -17.19
CA ILE B 507 12.67 8.06 -15.73
C ILE B 507 12.21 9.44 -15.27
N GLU B 508 12.52 10.46 -16.05
CA GLU B 508 12.06 11.82 -15.78
C GLU B 508 10.56 11.93 -15.78
N ASN B 509 9.88 11.13 -16.60
CA ASN B 509 8.41 11.14 -16.70
C ASN B 509 7.67 10.30 -15.65
N PHE B 510 8.42 9.69 -14.74
CA PHE B 510 7.83 9.05 -13.58
C PHE B 510 7.29 10.12 -12.64
N GLU B 511 7.85 11.33 -12.74
CA GLU B 511 7.47 12.44 -11.87
C GLU B 511 6.03 12.94 -12.08
N PHE B 512 5.38 13.24 -10.97
CA PHE B 512 4.06 13.81 -10.97
C PHE B 512 4.09 15.13 -11.73
N GLY B 513 3.11 15.36 -12.59
CA GLY B 513 2.98 16.63 -13.30
C GLY B 513 3.67 16.69 -14.64
N ALA B 514 4.12 15.55 -15.14
CA ALA B 514 4.91 15.50 -16.37
C ALA B 514 4.19 15.99 -17.61
N VAL B 515 2.85 15.92 -17.61
CA VAL B 515 2.04 16.25 -18.77
C VAL B 515 1.24 17.50 -18.49
N PRO B 516 1.55 18.59 -19.18
CA PRO B 516 0.94 19.88 -18.85
C PRO B 516 -0.55 19.97 -19.09
N PRO B 517 -1.26 20.76 -18.26
CA PRO B 517 -2.64 21.10 -18.54
C PRO B 517 -2.77 21.67 -19.96
N GLY B 518 -3.94 21.50 -20.56
CA GLY B 518 -4.16 21.94 -21.93
C GLY B 518 -4.06 20.80 -22.91
N THR B 519 -3.22 19.79 -22.58
CA THR B 519 -3.09 18.58 -23.39
C THR B 519 -4.45 18.04 -23.81
N ARG B 520 -4.64 17.82 -25.12
CA ARG B 520 -5.89 17.29 -25.65
C ARG B 520 -5.98 15.78 -25.51
N LEU B 521 -7.13 15.28 -25.07
CA LEU B 521 -7.42 13.86 -25.08
C LEU B 521 -7.46 13.35 -26.51
N GLY B 522 -7.20 12.05 -26.69
CA GLY B 522 -7.22 11.45 -28.01
C GLY B 522 -8.64 11.11 -28.39
N PRO B 523 -8.93 11.01 -29.69
CA PRO B 523 -10.30 10.71 -30.07
C PRO B 523 -10.71 9.39 -29.44
N ALA B 524 -11.91 9.34 -28.86
CA ALA B 524 -12.41 8.07 -28.32
C ALA B 524 -13.25 7.42 -29.40
N VAL B 525 -12.94 6.16 -29.74
CA VAL B 525 -13.71 5.40 -30.73
C VAL B 525 -15.08 5.06 -30.14
N GLU B 526 -16.14 5.31 -30.91
CA GLU B 526 -17.51 5.15 -30.42
C GLU B 526 -17.82 3.67 -30.17
N GLY B 527 -18.19 3.35 -28.93
CA GLY B 527 -18.48 1.98 -28.52
C GLY B 527 -17.23 1.14 -28.41
N GLU B 528 -16.26 1.62 -27.62
CA GLU B 528 -14.98 0.95 -27.44
C GLU B 528 -14.78 0.46 -26.01
N VAL B 529 -14.07 -0.65 -25.88
CA VAL B 529 -13.88 -1.32 -24.60
C VAL B 529 -12.40 -1.68 -24.46
N LEU B 530 -11.79 -1.25 -23.35
CA LEU B 530 -10.37 -1.51 -23.10
C LEU B 530 -10.20 -2.96 -22.69
N PHE B 531 -10.96 -3.38 -21.69
CA PHE B 531 -11.09 -4.77 -21.32
C PHE B 531 -12.58 -5.07 -21.24
N SER B 532 -13.03 -6.07 -21.99
CA SER B 532 -14.42 -6.54 -21.92
C SER B 532 -14.57 -7.60 -20.85
N LYS B 533 -15.64 -7.50 -20.07
CA LYS B 533 -15.92 -8.46 -19.02
C LYS B 533 -16.47 -9.75 -19.63
N ARG B 534 -16.41 -10.85 -18.88
CA ARG B 534 -16.75 -12.18 -19.41
C ARG B 534 -17.77 -12.93 -18.55
N SER B 535 -17.95 -14.23 -18.84
CA SER B 535 -19.04 -15.03 -18.28
C SER B 535 -18.74 -15.62 -16.89
N THR B 536 -19.81 -15.95 -16.16
CA THR B 536 -19.75 -16.44 -14.76
C THR B 536 -18.82 -15.61 -13.89
C1 GOL C . -11.02 -5.47 7.19
O1 GOL C . -10.01 -6.31 6.65
C2 GOL C . -11.69 -4.73 6.04
O2 GOL C . -10.76 -3.79 5.47
C3 GOL C . -12.93 -3.98 6.51
O3 GOL C . -12.59 -2.60 6.66
C1 GOL D . -12.94 9.89 11.42
O1 GOL D . -12.02 10.84 10.90
C2 GOL D . -12.49 8.51 10.96
O2 GOL D . -12.91 8.36 9.60
C3 GOL D . -13.17 7.45 11.84
O3 GOL D . -12.27 6.42 12.32
C1 GOL E . 0.40 10.78 22.92
O1 GOL E . 0.72 11.65 21.83
C2 GOL E . 1.67 10.08 23.38
O2 GOL E . 1.51 8.67 23.21
C3 GOL E . 1.95 10.38 24.85
O3 GOL E . 3.08 9.62 25.31
C1 GOL F . 15.65 7.93 28.27
O1 GOL F . 17.05 7.69 28.36
C2 GOL F . 15.39 9.43 28.15
O2 GOL F . 15.26 10.03 29.45
C3 GOL F . 16.48 10.17 27.34
O3 GOL F . 15.89 10.82 26.19
C1 GOL G . -3.61 -2.22 30.19
O1 GOL G . -4.07 -3.43 30.80
C2 GOL G . -4.75 -1.41 29.57
O2 GOL G . -5.39 -2.16 28.54
C3 GOL G . -4.20 -0.15 28.92
O3 GOL G . -4.27 -0.30 27.48
C1 GOL H . -17.76 37.47 21.72
O1 GOL H . -17.29 36.77 22.87
C2 GOL H . -16.67 38.35 21.15
O2 GOL H . -15.46 37.61 20.96
C3 GOL H . -17.19 38.88 19.82
O3 GOL H . -17.00 40.31 19.76
C1 GOL I . -30.04 43.69 22.26
O1 GOL I . -29.67 43.65 23.64
C2 GOL I . -31.56 43.57 22.04
O2 GOL I . -31.97 42.22 22.26
C3 GOL I . -32.32 44.52 22.97
O3 GOL I . -32.67 43.83 24.18
C1 GOL J . -39.68 10.25 22.67
O1 GOL J . -40.98 10.17 23.27
C2 GOL J . -39.35 11.71 22.33
O2 GOL J . -38.31 11.77 21.35
C3 GOL J . -38.92 12.44 23.60
O3 GOL J . -38.58 13.79 23.27
C1 GOL K . -30.67 12.03 23.83
O1 GOL K . -31.30 11.52 22.65
C2 GOL K . -30.09 10.91 24.72
O2 GOL K . -30.74 9.68 24.38
C3 GOL K . -28.56 10.76 24.60
O3 GOL K . -27.92 10.73 25.88
S DMS L . -31.91 23.78 6.33
O DMS L . -31.21 25.08 6.20
C1 DMS L . -32.08 23.03 4.80
C2 DMS L . -30.90 22.63 7.11
S DMS M . -27.95 17.62 10.56
O DMS M . -29.09 17.90 11.45
C1 DMS M . -28.20 16.14 9.73
C2 DMS M . -28.07 18.73 9.28
S DMS N . -27.90 19.41 6.28
O DMS N . -29.25 19.98 6.53
C1 DMS N . -27.60 19.37 4.60
C2 DMS N . -26.73 20.52 6.81
S DMS O . -33.63 26.02 9.99
O DMS O . -34.99 25.49 9.75
C1 DMS O . -32.73 26.05 8.54
C2 DMS O . -33.72 27.70 10.32
N MET P . -25.63 19.73 22.61
CA MET P . -25.48 19.10 21.29
C MET P . -25.59 17.59 21.41
O MET P . -25.42 17.03 22.50
CB MET P . -24.12 19.45 20.67
CG MET P . -23.63 20.86 20.85
SD MET P . -22.07 21.10 19.99
CE MET P . -21.81 22.88 20.17
OXT MET P . -25.83 16.90 20.43
C1 GOL Q . -12.70 12.65 2.49
O1 GOL Q . -13.43 13.45 1.55
C2 GOL Q . -13.40 11.31 2.74
O2 GOL Q . -14.32 11.09 1.67
C3 GOL Q . -12.43 10.11 2.82
O3 GOL Q . -11.28 10.41 3.60
C1 GOL R . 35.50 -13.42 -22.87
O1 GOL R . 35.56 -12.28 -23.75
C2 GOL R . 36.43 -14.54 -23.32
O2 GOL R . 35.69 -15.74 -23.56
C3 GOL R . 37.50 -14.83 -22.27
O3 GOL R . 37.93 -16.19 -22.38
C1 GOL S . -5.50 -12.70 -4.63
O1 GOL S . -6.55 -12.08 -3.92
C2 GOL S . -4.28 -12.78 -3.73
O2 GOL S . -3.84 -11.45 -3.56
C3 GOL S . -3.19 -13.62 -4.38
O3 GOL S . -1.91 -13.21 -3.89
C1 GOL T . 43.41 -23.68 -6.30
O1 GOL T . 44.55 -23.31 -7.09
C2 GOL T . 43.79 -24.91 -5.48
O2 GOL T . 44.15 -25.96 -6.37
C3 GOL T . 42.64 -25.29 -4.53
O3 GOL T . 42.50 -26.72 -4.33
C1 GOL U . 7.27 -0.20 -23.84
O1 GOL U . 6.18 -0.98 -23.36
C2 GOL U . 8.52 -1.08 -23.80
O2 GOL U . 8.08 -2.44 -23.86
C3 GOL U . 9.53 -0.74 -24.94
O3 GOL U . 10.19 -1.90 -25.48
C1 GOL V . -11.90 25.04 -5.95
O1 GOL V . -11.43 23.72 -5.62
C2 GOL V . -11.25 26.10 -5.06
O2 GOL V . -11.74 27.40 -5.37
C3 GOL V . -9.75 26.10 -5.29
O3 GOL V . -9.13 27.26 -4.70
C1 GOL W . 26.98 -26.92 -36.20
O1 GOL W . 25.83 -26.80 -37.04
C2 GOL W . 26.96 -28.26 -35.42
O2 GOL W . 26.92 -28.01 -34.01
C3 GOL W . 28.15 -29.16 -35.75
O3 GOL W . 28.70 -29.75 -34.57
C1 GOL X . 8.30 15.07 -0.53
O1 GOL X . 9.00 16.32 -0.73
C2 GOL X . 8.06 14.40 -1.88
O2 GOL X . 6.66 14.43 -2.14
C3 GOL X . 8.58 12.96 -1.88
O3 GOL X . 8.85 12.50 -3.20
S DMS Y . 10.84 -11.13 -30.80
O DMS Y . 10.88 -11.06 -29.32
C1 DMS Y . 12.01 -10.09 -31.48
C2 DMS Y . 11.45 -12.66 -31.32
S DMS Z . 21.68 -32.94 -17.83
O DMS Z . 20.35 -33.59 -17.70
C1 DMS Z . 22.79 -33.71 -16.78
C2 DMS Z . 22.28 -33.36 -19.38
S DMS AA . -4.83 -8.17 -26.58
O DMS AA . -5.56 -6.92 -26.94
C1 DMS AA . -4.96 -9.27 -27.87
C2 DMS AA . -3.16 -7.82 -26.55
S SO4 BA . 14.19 -27.07 -21.53
O1 SO4 BA . 13.22 -27.25 -20.42
O2 SO4 BA . 15.58 -27.21 -21.02
O3 SO4 BA . 13.91 -28.10 -22.56
O4 SO4 BA . 13.98 -25.75 -22.16
CAA 0P8 CA . 20.16 -28.70 -17.55
OAS 0P8 CA . 21.23 -27.94 -18.05
CAX 0P8 CA . 20.94 -26.66 -18.46
CAU 0P8 CA . 21.98 -25.77 -18.41
BR1 0P8 CA . 23.64 -26.36 -17.75
CAI 0P8 CA . 21.85 -24.45 -18.80
CAT 0P8 CA . 20.66 -23.98 -19.27
BR2 0P8 CA . 20.58 -22.13 -19.78
CAJ 0P8 CA . 19.59 -24.87 -19.35
CAW 0P8 CA . 19.70 -26.20 -18.93
CAO 0P8 CA . 18.45 -27.09 -19.07
NAP 0P8 CA . 18.58 -27.69 -20.40
CAM 0P8 CA . 18.15 -29.09 -20.39
CAL 0P8 CA . 18.41 -29.66 -21.78
CAN 0P8 CA . 19.70 -30.46 -21.84
NAQ 0P8 CA . 20.56 -29.95 -22.93
CAV 0P8 CA . 21.65 -30.58 -23.36
CAK 0P8 CA . 21.83 -31.94 -23.17
CAY 0P8 CA . 22.98 -32.57 -23.62
OAB 0P8 CA . 23.12 -33.79 -23.44
CBA 0P8 CA . 23.97 -31.81 -24.28
CAH 0P8 CA . 25.13 -32.40 -24.75
CAF 0P8 CA . 26.10 -31.62 -25.39
CAE 0P8 CA . 25.91 -30.26 -25.58
CAG 0P8 CA . 24.74 -29.67 -25.12
CAZ 0P8 CA . 23.78 -30.44 -24.48
NAR 0P8 CA . 22.61 -29.82 -24.02
#